data_2Z8K
#
_entry.id   2Z8K
#
_cell.length_a   77.730
_cell.length_b   126.500
_cell.length_c   129.400
_cell.angle_alpha   90.00
_cell.angle_beta   90.00
_cell.angle_gamma   90.00
#
_symmetry.space_group_name_H-M   'P 21 21 21'
#
loop_
_entity.id
_entity.type
_entity.pdbx_description
1 polymer Gamma-glutamyltranspeptidase
2 polymer Gamma-glutamyltranspeptidase
3 non-polymer '(2S)-AMINO[(5S)-3-CHLORO-4,5-DIHYDROISOXAZOL-5-YL]ACETIC ACID'
4 water water
#
loop_
_entity_poly.entity_id
_entity_poly.type
_entity_poly.pdbx_seq_one_letter_code
_entity_poly.pdbx_strand_id
1 'polypeptide(L)'
;AAPPAPPVSYGVEEDVFHPVRAKQGMVASVDATATQVGVDILKEGGNAVDAAVAVGYALAVTHPQAGNLGGGGFMLIRSK
NGNTTAIDFREMAPAKATRDMFLDDQGNPDSKKSLTSHLASGTPGTVAGFSLALDKYGTMPLNKVVQPAFKLARDGFIVN
DALADDLKTYGSEVLPNHENSKAIFWKEGEPLKKGDTLVQANLAKSLEMIAENGPDEFYKGTIAEQIAQEMQKNGGLITK
EDLAAYKAVERTPISGDYRGYQVYSMPPPSSGGIHIVQILNILENFDMKKYGFGSADAMQIMAEAEKYAYADRSEYLGDP
DFVKVPWQALTNKAYAKSIADQIDINKAKPSSEIRPGKLAPYESNQ
;
A,C
2 'polypeptide(L)'
;TTHYSVVDKDGNAVAVTYTLNTTFGTGIVAGESGILLNNQMDDFSAKPGVPNVYGLVGGDANAVGPNKRPLSSMSPTIVV
KDGKTWLVTGSPGGSRIITTVLQMVVNSIDYGLNVAEATNAPRFHHQWLPDELRVEKGFSPDTLKLLEAKGQKVALKEAM
GSTQSIMVGPDGELYGASDPRSVDDLTAGY
;
B,D
#
# COMPACT_ATOMS: atom_id res chain seq x y z
N GLU A 14 -14.48 -0.79 6.30
CA GLU A 14 -14.61 0.70 6.31
C GLU A 14 -13.29 1.39 5.95
N ASP A 15 -12.18 0.74 6.30
CA ASP A 15 -10.86 1.30 6.00
C ASP A 15 -10.32 0.83 4.67
N VAL A 16 -9.62 1.74 3.98
CA VAL A 16 -9.00 1.43 2.70
C VAL A 16 -7.60 0.90 2.99
N PHE A 17 -7.01 1.41 4.07
CA PHE A 17 -5.66 1.01 4.49
C PHE A 17 -5.71 0.30 5.84
N HIS A 18 -5.12 -0.89 5.88
CA HIS A 18 -5.11 -1.72 7.07
C HIS A 18 -3.74 -1.94 7.68
N PRO A 19 -3.63 -1.75 9.00
CA PRO A 19 -2.33 -1.96 9.66
C PRO A 19 -2.03 -3.45 9.78
N VAL A 20 -0.76 -3.78 9.98
CA VAL A 20 -0.37 -5.17 10.20
C VAL A 20 -0.71 -5.36 11.67
N ARG A 21 -1.16 -6.55 12.06
CA ARG A 21 -1.51 -6.77 13.46
C ARG A 21 -0.71 -7.90 14.11
N ALA A 22 -0.42 -7.74 15.39
CA ALA A 22 0.31 -8.73 16.17
C ALA A 22 -0.13 -8.58 17.62
N LYS A 23 -0.03 -9.65 18.39
CA LYS A 23 -0.44 -9.60 19.78
C LYS A 23 0.69 -9.49 20.79
N GLN A 24 1.90 -9.88 20.39
CA GLN A 24 3.04 -9.83 21.30
C GLN A 24 4.09 -8.77 20.98
N GLY A 25 4.85 -8.99 19.92
CA GLY A 25 5.88 -8.03 19.54
C GLY A 25 5.78 -7.63 18.07
N MET A 26 6.40 -6.51 17.72
CA MET A 26 6.36 -6.03 16.35
C MET A 26 7.60 -5.20 15.98
N VAL A 27 8.00 -5.31 14.72
CA VAL A 27 9.14 -4.55 14.20
C VAL A 27 8.74 -3.96 12.86
N ALA A 28 9.10 -2.70 12.65
CA ALA A 28 8.81 -2.01 11.39
C ALA A 28 10.12 -1.43 10.89
N SER A 29 10.55 -1.82 9.69
CA SER A 29 11.78 -1.28 9.13
C SER A 29 11.69 -1.21 7.61
N VAL A 30 12.64 -0.52 7.01
CA VAL A 30 12.68 -0.33 5.57
C VAL A 30 13.10 -1.58 4.79
N ASP A 31 13.51 -2.63 5.51
CA ASP A 31 13.97 -3.85 4.85
C ASP A 31 13.38 -5.13 5.41
N ALA A 32 12.81 -5.95 4.54
CA ALA A 32 12.19 -7.21 4.97
C ALA A 32 13.13 -8.10 5.78
N THR A 33 14.34 -8.33 5.27
CA THR A 33 15.29 -9.17 5.98
C THR A 33 15.61 -8.64 7.37
N ALA A 34 15.90 -7.35 7.48
CA ALA A 34 16.21 -6.73 8.77
C ALA A 34 15.04 -6.84 9.74
N THR A 35 13.82 -6.65 9.23
CA THR A 35 12.64 -6.73 10.07
C THR A 35 12.51 -8.13 10.66
N GLN A 36 12.73 -9.14 9.82
CA GLN A 36 12.63 -10.51 10.25
C GLN A 36 13.70 -10.84 11.28
N VAL A 37 14.87 -10.21 11.16
CA VAL A 37 15.94 -10.43 12.12
C VAL A 37 15.45 -9.92 13.48
N GLY A 38 14.84 -8.75 13.47
CA GLY A 38 14.34 -8.18 14.71
C GLY A 38 13.27 -9.04 15.35
N VAL A 39 12.33 -9.52 14.54
CA VAL A 39 11.27 -10.37 15.05
C VAL A 39 11.83 -11.65 15.66
N ASP A 40 12.80 -12.27 14.98
CA ASP A 40 13.40 -13.49 15.51
C ASP A 40 14.08 -13.26 16.85
N ILE A 41 14.69 -12.08 17.02
CA ILE A 41 15.34 -11.76 18.29
C ILE A 41 14.27 -11.68 19.39
N LEU A 42 13.15 -11.04 19.07
CA LEU A 42 12.05 -10.92 20.04
C LEU A 42 11.54 -12.31 20.40
N LYS A 43 11.37 -13.16 19.38
CA LYS A 43 10.88 -14.52 19.61
C LYS A 43 11.83 -15.32 20.48
N GLU A 44 13.13 -15.02 20.37
CA GLU A 44 14.15 -15.72 21.15
C GLU A 44 14.19 -15.24 22.59
N GLY A 45 13.45 -14.17 22.90
CA GLY A 45 13.42 -13.67 24.26
C GLY A 45 14.08 -12.32 24.50
N GLY A 46 14.66 -11.72 23.46
CA GLY A 46 15.30 -10.43 23.63
C GLY A 46 14.27 -9.34 23.79
N ASN A 47 14.65 -8.22 24.41
CA ASN A 47 13.70 -7.13 24.58
C ASN A 47 13.76 -6.18 23.39
N ALA A 48 13.01 -5.09 23.46
CA ALA A 48 12.97 -4.11 22.37
C ALA A 48 14.35 -3.57 22.01
N VAL A 49 15.17 -3.29 23.01
CA VAL A 49 16.51 -2.76 22.76
C VAL A 49 17.37 -3.83 22.08
N ASP A 50 17.29 -5.07 22.56
CA ASP A 50 18.08 -6.14 21.95
C ASP A 50 17.73 -6.24 20.47
N ALA A 51 16.43 -6.27 20.17
CA ALA A 51 15.97 -6.38 18.79
C ALA A 51 16.37 -5.15 17.98
N ALA A 52 16.23 -3.97 18.56
CA ALA A 52 16.60 -2.74 17.86
C ALA A 52 18.07 -2.75 17.45
N VAL A 53 18.94 -3.21 18.33
CA VAL A 53 20.36 -3.25 18.00
C VAL A 53 20.61 -4.30 16.93
N ALA A 54 19.93 -5.44 17.02
CA ALA A 54 20.09 -6.49 16.02
C ALA A 54 19.65 -5.98 14.65
N VAL A 55 18.55 -5.23 14.61
CA VAL A 55 18.05 -4.68 13.37
C VAL A 55 19.03 -3.66 12.81
N GLY A 56 19.59 -2.84 13.71
CA GLY A 56 20.56 -1.82 13.31
C GLY A 56 21.78 -2.43 12.67
N TYR A 57 22.26 -3.54 13.22
CA TYR A 57 23.41 -4.21 12.64
C TYR A 57 23.04 -4.90 11.32
N ALA A 58 21.83 -5.46 11.26
CA ALA A 58 21.41 -6.12 10.04
C ALA A 58 21.29 -5.11 8.90
N LEU A 59 20.69 -3.95 9.16
CA LEU A 59 20.54 -2.92 8.14
C LEU A 59 21.88 -2.41 7.63
N ALA A 60 22.90 -2.47 8.48
CA ALA A 60 24.24 -2.02 8.10
C ALA A 60 24.78 -2.93 6.99
N VAL A 61 24.13 -4.08 6.81
CA VAL A 61 24.53 -5.05 5.79
C VAL A 61 23.56 -5.08 4.62
N THR A 62 22.26 -5.15 4.92
CA THR A 62 21.23 -5.24 3.88
C THR A 62 20.73 -3.93 3.30
N HIS A 63 21.04 -2.82 3.96
CA HIS A 63 20.59 -1.51 3.50
C HIS A 63 21.76 -0.52 3.55
N PRO A 64 22.83 -0.81 2.79
CA PRO A 64 24.02 0.04 2.76
C PRO A 64 23.74 1.51 2.39
N GLN A 65 22.54 1.77 1.87
CA GLN A 65 22.13 3.12 1.50
C GLN A 65 22.11 4.03 2.72
N ALA A 66 21.68 3.49 3.86
CA ALA A 66 21.56 4.27 5.09
C ALA A 66 21.88 3.46 6.35
N GLY A 67 21.54 2.16 6.34
CA GLY A 67 21.89 1.32 7.47
C GLY A 67 23.40 1.44 7.51
N ASN A 68 24.02 1.46 8.68
CA ASN A 68 25.46 1.70 8.69
C ASN A 68 26.23 1.40 9.97
N LEU A 69 27.56 1.39 9.82
CA LEU A 69 28.47 1.26 10.94
C LEU A 69 29.34 2.53 10.83
N GLY A 70 29.34 3.13 9.64
CA GLY A 70 30.14 4.32 9.41
C GLY A 70 29.42 5.66 9.46
N GLY A 71 28.24 5.67 10.07
CA GLY A 71 27.48 6.91 10.18
C GLY A 71 27.11 7.20 11.62
N GLY A 72 25.90 7.69 11.84
CA GLY A 72 25.47 8.00 13.19
C GLY A 72 23.97 8.15 13.26
N GLY A 73 23.44 8.46 14.45
CA GLY A 73 22.01 8.59 14.58
C GLY A 73 21.54 8.82 15.99
N PHE A 74 20.25 8.59 16.20
CA PHE A 74 19.59 8.78 17.49
C PHE A 74 18.65 7.64 17.81
N MET A 75 18.45 7.39 19.11
CA MET A 75 17.56 6.35 19.56
C MET A 75 16.69 6.87 20.69
N LEU A 76 15.40 6.60 20.62
CA LEU A 76 14.46 6.99 21.66
C LEU A 76 14.02 5.68 22.30
N ILE A 77 14.17 5.59 23.61
CA ILE A 77 13.82 4.38 24.34
C ILE A 77 12.79 4.70 25.42
N ARG A 78 11.71 3.92 25.46
CA ARG A 78 10.71 4.10 26.51
C ARG A 78 10.38 2.73 27.08
N SER A 79 10.74 2.54 28.35
CA SER A 79 10.49 1.30 29.04
C SER A 79 9.01 1.11 29.32
N LYS A 80 8.64 -0.14 29.59
CA LYS A 80 7.26 -0.47 29.91
C LYS A 80 6.80 0.31 31.14
N ASN A 81 7.75 0.77 31.94
CA ASN A 81 7.44 1.51 33.17
C ASN A 81 7.33 3.02 32.94
N GLY A 82 7.45 3.44 31.69
CA GLY A 82 7.34 4.86 31.38
C GLY A 82 8.64 5.64 31.25
N ASN A 83 9.74 5.09 31.74
CA ASN A 83 11.03 5.76 31.67
C ASN A 83 11.38 6.03 30.20
N THR A 84 11.51 7.30 29.84
CA THR A 84 11.80 7.66 28.47
C THR A 84 13.15 8.38 28.39
N THR A 85 14.01 7.93 27.48
CA THR A 85 15.33 8.52 27.34
C THR A 85 15.79 8.56 25.89
N ALA A 86 16.79 9.39 25.61
CA ALA A 86 17.32 9.53 24.26
C ALA A 86 18.81 9.22 24.22
N ILE A 87 19.24 8.55 23.17
CA ILE A 87 20.65 8.24 23.00
C ILE A 87 21.17 9.00 21.80
N ASP A 88 22.15 9.85 22.03
CA ASP A 88 22.78 10.65 20.99
C ASP A 88 24.05 9.96 20.51
N PHE A 89 24.01 9.40 19.31
CA PHE A 89 25.21 8.80 18.75
C PHE A 89 25.47 9.41 17.38
N ARG A 90 25.34 10.73 17.37
CA ARG A 90 25.57 11.59 16.22
C ARG A 90 27.08 11.70 16.06
N GLU A 91 27.56 11.77 14.82
CA GLU A 91 29.00 11.88 14.58
C GLU A 91 29.57 13.16 15.17
N MET A 92 30.85 13.11 15.53
CA MET A 92 31.58 14.27 16.05
C MET A 92 32.54 14.71 14.95
N ALA A 93 32.61 16.02 14.69
CA ALA A 93 33.53 16.50 13.68
C ALA A 93 34.94 16.20 14.17
N PRO A 94 35.87 15.91 13.25
CA PRO A 94 37.24 15.62 13.65
C PRO A 94 37.86 16.77 14.45
N ALA A 95 38.84 16.45 15.30
CA ALA A 95 39.51 17.46 16.11
C ALA A 95 40.17 18.51 15.23
N LYS A 96 40.56 18.14 14.02
CA LYS A 96 41.20 19.08 13.11
C LYS A 96 40.23 19.86 12.23
N ALA A 97 38.93 19.64 12.43
CA ALA A 97 37.93 20.34 11.65
C ALA A 97 37.98 21.82 12.00
N THR A 98 37.69 22.68 11.03
CA THR A 98 37.70 24.13 11.25
C THR A 98 36.47 24.79 10.63
N ARG A 99 36.07 25.92 11.19
CA ARG A 99 34.90 26.66 10.73
C ARG A 99 34.79 26.85 9.21
N ASP A 100 35.88 27.26 8.57
CA ASP A 100 35.85 27.51 7.13
C ASP A 100 36.43 26.39 6.25
N MET A 101 36.48 25.17 6.78
CA MET A 101 37.06 24.07 6.03
C MET A 101 36.40 23.71 4.70
N PHE A 102 35.15 24.12 4.51
CA PHE A 102 34.46 23.79 3.27
C PHE A 102 34.37 24.95 2.27
N LEU A 103 35.05 26.05 2.59
CA LEU A 103 35.05 27.20 1.71
C LEU A 103 36.16 27.10 0.67
N ASP A 104 35.90 27.54 -0.56
CA ASP A 104 36.93 27.50 -1.59
C ASP A 104 37.78 28.75 -1.41
N ASP A 105 38.78 28.92 -2.26
CA ASP A 105 39.68 30.08 -2.15
C ASP A 105 38.97 31.42 -2.19
N GLN A 106 37.77 31.46 -2.74
CA GLN A 106 37.00 32.70 -2.83
C GLN A 106 36.08 32.91 -1.63
N GLY A 107 35.99 31.92 -0.76
CA GLY A 107 35.15 32.05 0.42
C GLY A 107 33.75 31.49 0.24
N ASN A 108 33.53 30.77 -0.86
CA ASN A 108 32.22 30.19 -1.13
C ASN A 108 32.22 28.70 -0.84
N PRO A 109 31.18 28.21 -0.15
CA PRO A 109 31.11 26.78 0.17
C PRO A 109 31.23 25.90 -1.07
N ASP A 110 31.96 24.80 -0.94
CA ASP A 110 32.15 23.85 -2.02
C ASP A 110 31.44 22.58 -1.59
N SER A 111 30.27 22.32 -2.16
CA SER A 111 29.49 21.14 -1.79
C SER A 111 30.21 19.83 -2.05
N LYS A 112 31.17 19.83 -2.97
CA LYS A 112 31.92 18.62 -3.27
C LYS A 112 32.71 18.22 -2.03
N LYS A 113 33.29 19.20 -1.36
CA LYS A 113 34.09 18.95 -0.18
C LYS A 113 33.30 18.39 0.99
N SER A 114 32.08 18.88 1.18
CA SER A 114 31.25 18.42 2.29
C SER A 114 30.35 17.24 1.96
N LEU A 115 30.34 16.79 0.71
CA LEU A 115 29.50 15.67 0.34
C LEU A 115 30.19 14.47 -0.31
N THR A 116 31.26 14.71 -1.07
CA THR A 116 31.93 13.60 -1.73
C THR A 116 33.41 13.40 -1.42
N SER A 117 34.04 14.36 -0.74
CA SER A 117 35.45 14.21 -0.42
C SER A 117 35.59 13.53 0.94
N HIS A 118 36.81 13.15 1.29
CA HIS A 118 37.06 12.50 2.57
C HIS A 118 36.87 13.48 3.72
N LEU A 119 36.77 14.77 3.41
CA LEU A 119 36.56 15.79 4.45
C LEU A 119 35.10 15.83 4.87
N ALA A 120 34.24 15.16 4.11
CA ALA A 120 32.80 15.16 4.40
C ALA A 120 32.38 14.29 5.57
N SER A 121 33.29 13.45 6.05
CA SER A 121 32.98 12.52 7.12
C SER A 121 33.22 12.97 8.56
N GLY A 122 32.28 12.61 9.43
CA GLY A 122 32.40 12.91 10.84
C GLY A 122 32.75 11.58 11.47
N THR A 123 33.28 11.60 12.69
CA THR A 123 33.66 10.37 13.38
C THR A 123 32.36 9.59 13.67
N PRO A 124 32.25 8.36 13.12
CA PRO A 124 31.06 7.50 13.29
C PRO A 124 30.68 7.18 14.73
N GLY A 125 29.37 7.25 15.02
CA GLY A 125 28.91 6.97 16.36
C GLY A 125 27.97 5.78 16.52
N THR A 126 27.52 5.19 15.42
CA THR A 126 26.58 4.07 15.49
C THR A 126 26.99 2.92 16.40
N VAL A 127 28.21 2.40 16.24
CA VAL A 127 28.65 1.30 17.09
C VAL A 127 28.63 1.70 18.57
N ALA A 128 29.11 2.90 18.88
CA ALA A 128 29.13 3.38 20.25
C ALA A 128 27.71 3.49 20.80
N GLY A 129 26.82 4.05 19.99
CA GLY A 129 25.44 4.23 20.41
C GLY A 129 24.71 2.92 20.68
N PHE A 130 24.89 1.95 19.79
CA PHE A 130 24.24 0.66 19.97
C PHE A 130 24.73 -0.04 21.22
N SER A 131 26.03 0.05 21.50
CA SER A 131 26.58 -0.60 22.68
C SER A 131 26.15 0.11 23.96
N LEU A 132 26.05 1.43 23.93
CA LEU A 132 25.63 2.16 25.11
C LEU A 132 24.21 1.68 25.46
N ALA A 133 23.34 1.61 24.46
CA ALA A 133 21.97 1.18 24.66
C ALA A 133 21.88 -0.29 25.07
N LEU A 134 22.63 -1.14 24.38
CA LEU A 134 22.60 -2.56 24.68
C LEU A 134 23.06 -2.89 26.10
N ASP A 135 24.19 -2.29 26.49
CA ASP A 135 24.76 -2.54 27.82
C ASP A 135 23.90 -2.08 28.98
N LYS A 136 23.21 -0.96 28.80
CA LYS A 136 22.38 -0.41 29.87
C LYS A 136 20.92 -0.82 29.85
N TYR A 137 20.34 -0.87 28.66
CA TYR A 137 18.92 -1.19 28.53
C TYR A 137 18.57 -2.53 27.85
N GLY A 138 19.59 -3.23 27.36
CA GLY A 138 19.36 -4.52 26.71
C GLY A 138 19.57 -5.68 27.65
N THR A 139 19.46 -6.90 27.13
CA THR A 139 19.65 -8.11 27.95
C THR A 139 20.59 -9.12 27.30
N MET A 140 20.83 -8.97 26.00
CA MET A 140 21.68 -9.90 25.27
C MET A 140 23.09 -9.35 25.04
N PRO A 141 24.08 -10.25 24.90
CA PRO A 141 25.46 -9.82 24.67
C PRO A 141 25.58 -9.34 23.23
N LEU A 142 26.52 -8.44 22.97
CA LEU A 142 26.71 -7.89 21.64
C LEU A 142 26.89 -8.97 20.57
N ASN A 143 27.64 -10.02 20.88
CA ASN A 143 27.87 -11.10 19.92
C ASN A 143 26.57 -11.72 19.41
N LYS A 144 25.59 -11.87 20.30
CA LYS A 144 24.31 -12.46 19.93
C LYS A 144 23.49 -11.58 18.98
N VAL A 145 23.48 -10.27 19.20
CA VAL A 145 22.71 -9.39 18.33
C VAL A 145 23.42 -9.02 17.03
N VAL A 146 24.72 -9.27 16.96
CA VAL A 146 25.49 -9.00 15.76
C VAL A 146 25.51 -10.21 14.82
N GLN A 147 25.38 -11.41 15.39
CA GLN A 147 25.40 -12.63 14.59
C GLN A 147 24.55 -12.65 13.32
N PRO A 148 23.28 -12.23 13.39
CA PRO A 148 22.46 -12.24 12.17
C PRO A 148 23.08 -11.43 11.04
N ALA A 149 23.56 -10.23 11.37
CA ALA A 149 24.18 -9.35 10.39
C ALA A 149 25.46 -9.99 9.86
N PHE A 150 26.23 -10.60 10.76
CA PHE A 150 27.48 -11.26 10.38
C PHE A 150 27.22 -12.31 9.31
N LYS A 151 26.21 -13.15 9.52
CA LYS A 151 25.89 -14.20 8.55
C LYS A 151 25.47 -13.61 7.20
N LEU A 152 24.70 -12.54 7.25
CA LEU A 152 24.24 -11.89 6.03
C LEU A 152 25.40 -11.32 5.23
N ALA A 153 26.42 -10.82 5.93
CA ALA A 153 27.58 -10.25 5.26
C ALA A 153 28.48 -11.37 4.72
N ARG A 154 28.65 -12.42 5.51
CA ARG A 154 29.49 -13.54 5.13
C ARG A 154 28.91 -14.39 4.00
N ASP A 155 27.65 -14.80 4.14
CA ASP A 155 27.00 -15.66 3.15
C ASP A 155 26.27 -14.91 2.04
N GLY A 156 26.02 -13.62 2.26
CA GLY A 156 25.35 -12.80 1.25
C GLY A 156 23.84 -12.90 1.24
N PHE A 157 23.22 -12.02 0.46
CA PHE A 157 21.77 -12.00 0.32
C PHE A 157 21.44 -11.54 -1.10
N ILE A 158 20.24 -11.85 -1.56
CA ILE A 158 19.82 -11.47 -2.90
C ILE A 158 19.47 -9.99 -3.00
N VAL A 159 19.99 -9.33 -4.03
CA VAL A 159 19.72 -7.92 -4.26
C VAL A 159 18.27 -7.78 -4.73
N ASN A 160 17.49 -6.95 -4.03
CA ASN A 160 16.10 -6.74 -4.38
C ASN A 160 15.89 -5.48 -5.23
N ASP A 161 14.64 -5.12 -5.48
CA ASP A 161 14.35 -3.93 -6.27
C ASP A 161 14.86 -2.65 -5.62
N ALA A 162 14.62 -2.51 -4.32
CA ALA A 162 15.05 -1.32 -3.61
C ALA A 162 16.56 -1.07 -3.72
N LEU A 163 17.33 -2.10 -3.39
CA LEU A 163 18.78 -1.98 -3.43
C LEU A 163 19.30 -1.82 -4.86
N ALA A 164 18.76 -2.59 -5.78
CA ALA A 164 19.19 -2.49 -7.18
C ALA A 164 18.94 -1.08 -7.69
N ASP A 165 17.74 -0.55 -7.42
CA ASP A 165 17.39 0.79 -7.86
C ASP A 165 18.31 1.85 -7.26
N ASP A 166 18.58 1.76 -5.96
CA ASP A 166 19.45 2.74 -5.32
C ASP A 166 20.89 2.68 -5.81
N LEU A 167 21.40 1.47 -6.05
CA LEU A 167 22.77 1.33 -6.55
C LEU A 167 22.91 1.99 -7.92
N LYS A 168 21.91 1.80 -8.76
CA LYS A 168 21.90 2.35 -10.11
C LYS A 168 21.70 3.86 -10.15
N THR A 169 20.80 4.36 -9.30
CA THR A 169 20.50 5.78 -9.27
C THR A 169 21.49 6.61 -8.46
N TYR A 170 21.54 6.37 -7.16
CA TYR A 170 22.43 7.12 -6.27
C TYR A 170 23.85 6.56 -6.23
N GLY A 171 23.95 5.23 -6.21
CA GLY A 171 25.27 4.61 -6.15
C GLY A 171 26.19 4.97 -7.30
N SER A 172 25.63 5.05 -8.50
CA SER A 172 26.42 5.37 -9.69
C SER A 172 27.20 6.67 -9.57
N GLU A 173 26.70 7.60 -8.76
CA GLU A 173 27.36 8.89 -8.61
C GLU A 173 28.62 8.87 -7.74
N VAL A 174 28.76 7.84 -6.90
CA VAL A 174 29.92 7.79 -6.01
C VAL A 174 30.66 6.45 -5.84
N LEU A 175 29.92 5.35 -5.73
CA LEU A 175 30.53 4.04 -5.52
C LEU A 175 31.63 3.63 -6.51
N PRO A 176 31.37 3.77 -7.82
CA PRO A 176 32.43 3.36 -8.76
C PRO A 176 33.68 4.26 -8.78
N ASN A 177 33.65 5.37 -8.06
CA ASN A 177 34.78 6.29 -8.02
C ASN A 177 35.82 5.96 -6.97
N HIS A 178 35.58 4.89 -6.20
CA HIS A 178 36.51 4.47 -5.16
C HIS A 178 36.75 2.98 -5.33
N GLU A 179 38.02 2.59 -5.48
CA GLU A 179 38.37 1.19 -5.69
C GLU A 179 37.75 0.19 -4.74
N ASN A 180 37.87 0.42 -3.43
CA ASN A 180 37.32 -0.53 -2.48
C ASN A 180 35.79 -0.60 -2.53
N SER A 181 35.13 0.52 -2.78
CA SER A 181 33.67 0.54 -2.85
C SER A 181 33.21 -0.19 -4.10
N LYS A 182 33.87 0.10 -5.23
CA LYS A 182 33.53 -0.53 -6.50
C LYS A 182 33.69 -2.05 -6.45
N ALA A 183 34.71 -2.51 -5.74
CA ALA A 183 34.97 -3.94 -5.63
C ALA A 183 33.84 -4.70 -4.93
N ILE A 184 33.08 -3.98 -4.10
CA ILE A 184 32.00 -4.59 -3.36
C ILE A 184 30.62 -4.44 -4.00
N PHE A 185 30.29 -3.23 -4.44
CA PHE A 185 28.97 -2.96 -5.00
C PHE A 185 28.81 -2.98 -6.51
N TRP A 186 29.91 -3.03 -7.24
CA TRP A 186 29.85 -3.06 -8.70
C TRP A 186 30.22 -4.46 -9.20
N LYS A 187 29.69 -4.82 -10.36
CA LYS A 187 29.96 -6.13 -10.94
C LYS A 187 29.92 -6.03 -12.47
N GLU A 188 30.96 -6.53 -13.12
CA GLU A 188 31.03 -6.51 -14.57
C GLU A 188 30.81 -5.09 -15.11
N GLY A 189 31.38 -4.13 -14.40
CA GLY A 189 31.29 -2.72 -14.79
C GLY A 189 29.95 -2.04 -14.58
N GLU A 190 29.03 -2.73 -13.92
CA GLU A 190 27.70 -2.19 -13.67
C GLU A 190 27.30 -2.37 -12.21
N PRO A 191 26.33 -1.59 -11.73
CA PRO A 191 25.94 -1.78 -10.33
C PRO A 191 25.31 -3.17 -10.23
N LEU A 192 25.37 -3.80 -9.07
CA LEU A 192 24.77 -5.11 -8.91
C LEU A 192 23.30 -5.00 -9.30
N LYS A 193 22.80 -6.01 -9.99
CA LYS A 193 21.41 -6.00 -10.45
C LYS A 193 20.50 -6.84 -9.58
N LYS A 194 19.19 -6.61 -9.72
CA LYS A 194 18.21 -7.37 -8.96
C LYS A 194 18.43 -8.85 -9.28
N GLY A 195 18.49 -9.68 -8.23
CA GLY A 195 18.70 -11.10 -8.45
C GLY A 195 20.13 -11.52 -8.15
N ASP A 196 21.06 -10.58 -8.25
CA ASP A 196 22.46 -10.87 -7.95
C ASP A 196 22.59 -11.10 -6.45
N THR A 197 23.70 -11.69 -6.05
CA THR A 197 23.96 -11.94 -4.64
C THR A 197 25.05 -11.00 -4.15
N LEU A 198 24.77 -10.28 -3.07
CA LEU A 198 25.74 -9.36 -2.52
C LEU A 198 26.40 -9.96 -1.29
N VAL A 199 27.67 -10.30 -1.43
CA VAL A 199 28.47 -10.84 -0.34
C VAL A 199 29.43 -9.73 0.08
N GLN A 200 29.57 -9.52 1.38
CA GLN A 200 30.45 -8.47 1.89
C GLN A 200 31.41 -9.07 2.91
N ALA A 201 32.45 -9.73 2.39
CA ALA A 201 33.44 -10.42 3.22
C ALA A 201 34.21 -9.51 4.17
N ASN A 202 34.60 -8.33 3.71
CA ASN A 202 35.34 -7.42 4.56
C ASN A 202 34.44 -6.93 5.69
N LEU A 203 33.20 -6.59 5.36
CA LEU A 203 32.27 -6.12 6.39
C LEU A 203 32.01 -7.25 7.39
N ALA A 204 32.00 -8.49 6.89
CA ALA A 204 31.76 -9.64 7.75
C ALA A 204 32.89 -9.75 8.77
N LYS A 205 34.12 -9.50 8.32
CA LYS A 205 35.27 -9.56 9.22
C LYS A 205 35.12 -8.47 10.29
N SER A 206 34.74 -7.27 9.87
CA SER A 206 34.56 -6.18 10.80
C SER A 206 33.50 -6.53 11.84
N LEU A 207 32.41 -7.14 11.37
CA LEU A 207 31.33 -7.52 12.28
C LEU A 207 31.79 -8.60 13.26
N GLU A 208 32.56 -9.56 12.76
CA GLU A 208 33.05 -10.65 13.59
C GLU A 208 33.98 -10.15 14.70
N MET A 209 34.82 -9.17 14.36
CA MET A 209 35.77 -8.62 15.33
C MET A 209 35.05 -7.79 16.39
N ILE A 210 34.00 -7.09 15.99
CA ILE A 210 33.22 -6.29 16.94
C ILE A 210 32.51 -7.24 17.89
N ALA A 211 31.96 -8.31 17.34
CA ALA A 211 31.25 -9.30 18.13
C ALA A 211 32.18 -9.93 19.17
N GLU A 212 33.42 -10.20 18.77
CA GLU A 212 34.38 -10.84 19.67
C GLU A 212 35.10 -9.90 20.62
N ASN A 213 35.47 -8.71 20.14
CA ASN A 213 36.21 -7.76 20.98
C ASN A 213 35.40 -6.58 21.52
N GLY A 214 34.16 -6.44 21.08
CA GLY A 214 33.34 -5.34 21.57
C GLY A 214 33.51 -4.07 20.75
N PRO A 215 32.82 -2.99 21.13
CA PRO A 215 32.90 -1.71 20.41
C PRO A 215 34.30 -1.11 20.29
N ASP A 216 35.21 -1.48 21.18
CA ASP A 216 36.58 -0.94 21.11
C ASP A 216 37.25 -1.34 19.79
N GLU A 217 36.78 -2.42 19.18
CA GLU A 217 37.33 -2.87 17.91
C GLU A 217 37.17 -1.77 16.88
N PHE A 218 36.00 -1.11 16.91
CA PHE A 218 35.71 -0.04 15.97
C PHE A 218 36.46 1.26 16.29
N TYR A 219 36.47 1.63 17.56
CA TYR A 219 37.09 2.88 17.99
C TYR A 219 38.56 2.86 18.35
N LYS A 220 39.12 1.67 18.57
CA LYS A 220 40.52 1.57 18.93
C LYS A 220 41.26 0.42 18.27
N GLY A 221 40.51 -0.50 17.68
CA GLY A 221 41.12 -1.66 17.05
C GLY A 221 41.44 -1.57 15.56
N THR A 222 41.40 -2.72 14.91
CA THR A 222 41.71 -2.82 13.48
C THR A 222 40.84 -1.92 12.60
N ILE A 223 39.55 -1.83 12.92
CA ILE A 223 38.65 -1.00 12.14
C ILE A 223 39.09 0.46 12.24
N ALA A 224 39.40 0.89 13.46
CA ALA A 224 39.84 2.27 13.68
C ALA A 224 41.06 2.56 12.82
N GLU A 225 41.98 1.61 12.77
CA GLU A 225 43.20 1.75 11.98
C GLU A 225 42.86 1.90 10.50
N GLN A 226 41.91 1.09 10.02
CA GLN A 226 41.48 1.13 8.63
C GLN A 226 40.83 2.45 8.27
N ILE A 227 40.07 3.02 9.20
CA ILE A 227 39.42 4.30 8.97
C ILE A 227 40.48 5.41 8.95
N ALA A 228 41.37 5.39 9.94
CA ALA A 228 42.42 6.40 10.03
C ALA A 228 43.32 6.40 8.79
N GLN A 229 43.67 5.21 8.30
CA GLN A 229 44.52 5.10 7.12
C GLN A 229 43.80 5.60 5.87
N GLU A 230 42.53 5.23 5.73
CA GLU A 230 41.75 5.67 4.58
C GLU A 230 41.78 7.19 4.51
N MET A 231 41.65 7.82 5.67
CA MET A 231 41.65 9.27 5.76
C MET A 231 43.02 9.88 5.51
N GLN A 232 44.03 9.35 6.20
CA GLN A 232 45.40 9.85 6.07
C GLN A 232 45.93 9.82 4.65
N LYS A 233 45.58 8.77 3.90
CA LYS A 233 46.05 8.62 2.53
C LYS A 233 45.31 9.47 1.51
N ASN A 234 44.12 9.96 1.89
CA ASN A 234 43.32 10.74 0.95
C ASN A 234 42.90 12.13 1.38
N GLY A 235 43.67 12.74 2.29
CA GLY A 235 43.35 14.09 2.73
C GLY A 235 42.20 14.21 3.71
N GLY A 236 41.84 13.10 4.36
CA GLY A 236 40.76 13.12 5.33
C GLY A 236 41.29 13.57 6.68
N LEU A 237 40.40 13.81 7.64
CA LEU A 237 40.83 14.29 8.96
C LEU A 237 40.64 13.31 10.12
N ILE A 238 39.74 12.35 10.01
CA ILE A 238 39.52 11.42 11.11
C ILE A 238 40.79 10.66 11.48
N THR A 239 41.19 10.79 12.73
CA THR A 239 42.40 10.13 13.22
C THR A 239 42.05 9.13 14.30
N LYS A 240 43.05 8.37 14.74
CA LYS A 240 42.80 7.38 15.78
C LYS A 240 42.43 8.10 17.08
N GLU A 241 42.97 9.30 17.30
CA GLU A 241 42.63 10.04 18.51
C GLU A 241 41.15 10.40 18.46
N ASP A 242 40.67 10.78 17.28
CA ASP A 242 39.26 11.12 17.09
C ASP A 242 38.39 9.93 17.49
N LEU A 243 38.72 8.77 16.92
CA LEU A 243 37.96 7.56 17.18
C LEU A 243 38.00 7.16 18.65
N ALA A 244 39.15 7.29 19.28
CA ALA A 244 39.27 6.93 20.69
C ALA A 244 38.54 7.91 21.60
N ALA A 245 38.34 9.13 21.13
CA ALA A 245 37.68 10.16 21.92
C ALA A 245 36.17 10.21 21.73
N TYR A 246 35.67 9.52 20.70
CA TYR A 246 34.23 9.54 20.46
C TYR A 246 33.44 8.91 21.59
N LYS A 247 32.23 9.40 21.80
CA LYS A 247 31.35 8.84 22.80
C LYS A 247 29.91 9.15 22.50
N ALA A 248 29.05 8.16 22.71
CA ALA A 248 27.62 8.35 22.52
C ALA A 248 27.20 9.01 23.82
N VAL A 249 26.12 9.78 23.80
CA VAL A 249 25.69 10.46 25.01
C VAL A 249 24.19 10.31 25.27
N GLU A 250 23.85 9.85 26.47
CA GLU A 250 22.45 9.71 26.82
C GLU A 250 22.00 11.11 27.24
N ARG A 251 20.90 11.57 26.66
CA ARG A 251 20.38 12.91 26.96
C ARG A 251 18.88 12.86 27.26
N THR A 252 18.39 13.90 27.92
CA THR A 252 16.98 14.00 28.27
C THR A 252 16.17 14.31 27.01
N PRO A 253 15.10 13.54 26.76
CA PRO A 253 14.30 13.81 25.56
C PRO A 253 13.62 15.17 25.62
N ILE A 254 13.29 15.72 24.45
CA ILE A 254 12.56 16.97 24.39
C ILE A 254 11.11 16.49 24.28
N SER A 255 10.20 17.11 25.01
CA SER A 255 8.82 16.67 24.95
C SER A 255 7.82 17.80 25.11
N GLY A 256 6.57 17.49 24.80
CA GLY A 256 5.50 18.47 24.91
C GLY A 256 4.19 17.77 25.14
N ASP A 257 3.12 18.57 25.22
CA ASP A 257 1.78 18.04 25.43
C ASP A 257 0.90 18.63 24.33
N TYR A 258 0.26 17.77 23.56
CA TYR A 258 -0.61 18.20 22.48
C TYR A 258 -1.99 17.61 22.74
N ARG A 259 -2.92 18.45 23.15
CA ARG A 259 -4.30 18.02 23.42
C ARG A 259 -4.38 16.83 24.38
N GLY A 260 -3.48 16.78 25.36
CA GLY A 260 -3.52 15.70 26.33
C GLY A 260 -2.64 14.50 26.02
N TYR A 261 -1.98 14.54 24.85
CA TYR A 261 -1.07 13.49 24.42
C TYR A 261 0.33 14.04 24.67
N GLN A 262 1.24 13.21 25.18
CA GLN A 262 2.60 13.70 25.41
C GLN A 262 3.48 13.17 24.28
N VAL A 263 4.23 14.08 23.68
CA VAL A 263 5.09 13.76 22.55
C VAL A 263 6.56 13.84 22.95
N TYR A 264 7.30 12.76 22.72
CA TYR A 264 8.72 12.69 23.06
C TYR A 264 9.58 12.48 21.82
N SER A 265 10.65 13.25 21.69
CA SER A 265 11.55 13.08 20.55
C SER A 265 12.97 13.51 20.92
N MET A 266 13.84 13.60 19.92
CA MET A 266 15.23 13.94 20.15
C MET A 266 15.57 15.40 20.50
N PRO A 267 16.48 15.59 21.47
CA PRO A 267 16.90 16.92 21.91
C PRO A 267 18.17 17.28 21.12
N PRO A 268 18.66 18.51 21.28
CA PRO A 268 19.88 18.90 20.57
C PRO A 268 20.92 17.84 20.94
N PRO A 269 21.85 17.49 20.01
CA PRO A 269 22.12 17.98 18.67
C PRO A 269 21.09 17.81 17.57
N SER A 270 19.90 17.33 17.90
CA SER A 270 18.86 17.24 16.89
C SER A 270 17.91 18.41 17.11
N SER A 271 17.33 18.89 16.01
CA SER A 271 16.37 19.99 16.08
C SER A 271 14.96 19.43 16.00
N GLY A 272 14.86 18.13 15.73
CA GLY A 272 13.57 17.47 15.59
C GLY A 272 12.57 17.63 16.72
N GLY A 273 12.95 17.20 17.91
CA GLY A 273 12.04 17.29 19.04
C GLY A 273 11.56 18.71 19.30
N ILE A 274 12.48 19.66 19.34
CA ILE A 274 12.10 21.04 19.59
C ILE A 274 11.10 21.61 18.58
N HIS A 275 11.35 21.41 17.30
CA HIS A 275 10.43 21.98 16.32
C HIS A 275 9.12 21.23 16.16
N ILE A 276 9.14 19.92 16.42
CA ILE A 276 7.89 19.16 16.34
C ILE A 276 7.01 19.66 17.49
N VAL A 277 7.59 19.82 18.67
CA VAL A 277 6.82 20.30 19.83
C VAL A 277 6.38 21.74 19.60
N GLN A 278 7.29 22.58 19.11
CA GLN A 278 6.97 23.98 18.84
C GLN A 278 5.78 24.07 17.88
N ILE A 279 5.85 23.37 16.76
CA ILE A 279 4.77 23.42 15.79
C ILE A 279 3.47 22.87 16.36
N LEU A 280 3.54 21.77 17.11
CA LEU A 280 2.32 21.22 17.70
C LEU A 280 1.73 22.27 18.66
N ASN A 281 2.59 22.97 19.39
CA ASN A 281 2.13 24.00 20.31
C ASN A 281 1.35 25.06 19.55
N ILE A 282 1.86 25.43 18.38
CA ILE A 282 1.20 26.44 17.55
C ILE A 282 -0.15 25.89 17.07
N LEU A 283 -0.14 24.70 16.50
CA LEU A 283 -1.35 24.08 15.98
C LEU A 283 -2.44 23.84 17.02
N GLU A 284 -2.04 23.66 18.27
CA GLU A 284 -2.99 23.40 19.34
C GLU A 284 -4.01 24.52 19.47
N ASN A 285 -3.65 25.71 18.99
CA ASN A 285 -4.52 26.88 19.06
C ASN A 285 -5.60 26.88 17.98
N PHE A 286 -5.57 25.89 17.10
CA PHE A 286 -6.54 25.78 16.02
C PHE A 286 -7.30 24.47 16.14
N ASP A 287 -8.55 24.46 15.66
CA ASP A 287 -9.37 23.26 15.71
C ASP A 287 -9.03 22.42 14.47
N MET A 288 -7.85 21.80 14.48
CA MET A 288 -7.41 20.99 13.35
C MET A 288 -8.40 19.91 12.91
N LYS A 289 -8.97 19.20 13.88
CA LYS A 289 -9.93 18.14 13.59
C LYS A 289 -11.08 18.67 12.75
N LYS A 290 -11.51 19.89 13.05
CA LYS A 290 -12.61 20.53 12.35
C LYS A 290 -12.28 20.75 10.87
N TYR A 291 -11.07 21.23 10.59
CA TYR A 291 -10.66 21.48 9.22
C TYR A 291 -10.54 20.16 8.45
N GLY A 292 -9.91 19.17 9.08
CA GLY A 292 -9.77 17.87 8.45
C GLY A 292 -8.57 17.71 7.53
N PHE A 293 -8.15 16.46 7.34
CA PHE A 293 -7.03 16.15 6.48
C PHE A 293 -7.25 16.60 5.05
N GLY A 294 -6.20 17.09 4.42
CA GLY A 294 -6.28 17.50 3.03
C GLY A 294 -7.13 18.73 2.73
N SER A 295 -7.47 19.48 3.75
CA SER A 295 -8.26 20.70 3.56
C SER A 295 -7.28 21.85 3.38
N ALA A 296 -7.66 22.85 2.59
CA ALA A 296 -6.78 23.99 2.38
C ALA A 296 -6.51 24.70 3.70
N ASP A 297 -7.52 24.78 4.57
CA ASP A 297 -7.33 25.44 5.85
C ASP A 297 -6.29 24.76 6.73
N ALA A 298 -6.37 23.44 6.86
CA ALA A 298 -5.42 22.70 7.68
C ALA A 298 -4.01 22.84 7.12
N MET A 299 -3.88 22.74 5.80
CA MET A 299 -2.57 22.83 5.16
C MET A 299 -2.00 24.24 5.29
N GLN A 300 -2.87 25.25 5.19
CA GLN A 300 -2.46 26.63 5.32
C GLN A 300 -1.88 26.88 6.70
N ILE A 301 -2.62 26.50 7.73
CA ILE A 301 -2.19 26.69 9.10
C ILE A 301 -0.86 26.00 9.39
N MET A 302 -0.74 24.75 8.95
CA MET A 302 0.50 24.03 9.19
C MET A 302 1.69 24.58 8.41
N ALA A 303 1.47 25.00 7.16
CA ALA A 303 2.55 25.55 6.36
C ALA A 303 3.08 26.81 7.04
N GLU A 304 2.17 27.66 7.51
CA GLU A 304 2.57 28.90 8.16
C GLU A 304 3.33 28.63 9.46
N ALA A 305 2.79 27.73 10.27
CA ALA A 305 3.43 27.40 11.54
C ALA A 305 4.84 26.89 11.29
N GLU A 306 4.99 26.05 10.26
CA GLU A 306 6.28 25.49 9.92
C GLU A 306 7.32 26.55 9.56
N LYS A 307 6.90 27.63 8.90
CA LYS A 307 7.82 28.70 8.53
C LYS A 307 8.57 29.27 9.73
N TYR A 308 7.83 29.63 10.77
CA TYR A 308 8.41 30.19 11.97
C TYR A 308 9.37 29.23 12.66
N ALA A 309 9.05 27.94 12.64
CA ALA A 309 9.91 26.94 13.26
C ALA A 309 11.25 26.84 12.55
N TYR A 310 11.22 26.77 11.22
CA TYR A 310 12.45 26.66 10.46
C TYR A 310 13.28 27.93 10.52
N ALA A 311 12.61 29.06 10.68
CA ALA A 311 13.32 30.33 10.80
C ALA A 311 14.08 30.27 12.13
N ASP A 312 13.41 29.82 13.17
CA ASP A 312 14.04 29.71 14.48
C ASP A 312 15.18 28.69 14.43
N ARG A 313 14.95 27.60 13.70
CA ARG A 313 15.97 26.55 13.57
C ARG A 313 17.29 27.10 13.06
N SER A 314 17.22 28.02 12.10
CA SER A 314 18.40 28.59 11.47
C SER A 314 19.26 29.45 12.39
N GLU A 315 18.71 29.87 13.51
CA GLU A 315 19.41 30.75 14.43
C GLU A 315 19.76 30.17 15.80
N TYR A 316 18.84 29.39 16.37
CA TYR A 316 19.02 28.88 17.71
C TYR A 316 19.49 27.45 17.93
N LEU A 317 19.51 26.65 16.87
CA LEU A 317 19.87 25.24 17.03
C LEU A 317 21.29 24.84 16.71
N GLY A 318 21.86 24.01 17.59
CA GLY A 318 23.21 23.53 17.41
C GLY A 318 23.56 22.54 18.50
N ASP A 319 24.80 22.04 18.49
CA ASP A 319 25.26 21.09 19.49
C ASP A 319 25.20 21.78 20.86
N PRO A 320 24.38 21.26 21.79
CA PRO A 320 24.23 21.84 23.12
C PRO A 320 25.52 21.87 23.96
N ASP A 321 26.49 21.04 23.60
CA ASP A 321 27.74 21.01 24.34
C ASP A 321 28.64 22.18 23.92
N PHE A 322 28.24 22.89 22.88
CA PHE A 322 29.02 24.02 22.38
C PHE A 322 28.28 25.35 22.46
N VAL A 323 26.95 25.29 22.38
CA VAL A 323 26.15 26.49 22.44
C VAL A 323 24.88 26.25 23.27
N LYS A 324 24.42 27.29 23.96
CA LYS A 324 23.21 27.16 24.76
C LYS A 324 22.00 27.29 23.84
N VAL A 325 21.18 26.24 23.81
CA VAL A 325 19.97 26.23 22.99
C VAL A 325 18.79 26.64 23.86
N PRO A 326 18.04 27.68 23.45
CA PRO A 326 16.88 28.16 24.21
C PRO A 326 15.67 27.26 23.99
N TRP A 327 15.83 25.97 24.33
CA TRP A 327 14.77 25.01 24.12
C TRP A 327 13.50 25.28 24.91
N GLN A 328 13.65 25.83 26.11
CA GLN A 328 12.50 26.13 26.94
C GLN A 328 11.64 27.18 26.24
N ALA A 329 12.26 28.25 25.80
CA ALA A 329 11.53 29.32 25.10
C ALA A 329 10.90 28.81 23.82
N LEU A 330 11.66 28.05 23.03
CA LEU A 330 11.16 27.53 21.77
C LEU A 330 9.97 26.60 21.93
N THR A 331 9.87 25.91 23.06
CA THR A 331 8.77 24.98 23.29
C THR A 331 7.74 25.53 24.27
N ASN A 332 7.83 26.83 24.52
CA ASN A 332 6.93 27.54 25.43
C ASN A 332 5.59 27.77 24.73
N LYS A 333 4.49 27.41 25.39
CA LYS A 333 3.18 27.59 24.79
C LYS A 333 2.77 29.04 24.58
N ALA A 334 3.26 29.94 25.43
CA ALA A 334 2.93 31.36 25.28
C ALA A 334 3.60 31.87 24.01
N TYR A 335 4.83 31.41 23.75
CA TYR A 335 5.55 31.81 22.55
C TYR A 335 4.80 31.27 21.34
N ALA A 336 4.35 30.01 21.44
CA ALA A 336 3.61 29.39 20.35
C ALA A 336 2.34 30.17 20.07
N LYS A 337 1.71 30.68 21.12
CA LYS A 337 0.48 31.46 20.99
C LYS A 337 0.75 32.77 20.26
N SER A 338 1.91 33.38 20.52
CA SER A 338 2.25 34.63 19.87
C SER A 338 2.43 34.40 18.37
N ILE A 339 2.82 33.19 17.99
CA ILE A 339 3.00 32.84 16.59
C ILE A 339 1.65 32.53 15.96
N ALA A 340 0.84 31.76 16.67
CA ALA A 340 -0.48 31.39 16.17
C ALA A 340 -1.31 32.63 15.87
N ASP A 341 -1.20 33.66 16.71
CA ASP A 341 -1.96 34.88 16.49
C ASP A 341 -1.53 35.63 15.23
N GLN A 342 -0.37 35.27 14.69
CA GLN A 342 0.14 35.92 13.48
C GLN A 342 -0.32 35.22 12.20
N ILE A 343 -0.82 33.99 12.34
CA ILE A 343 -1.27 33.23 11.18
C ILE A 343 -2.63 33.65 10.66
N ASP A 344 -2.67 34.03 9.38
CA ASP A 344 -3.91 34.42 8.73
C ASP A 344 -4.31 33.23 7.86
N ILE A 345 -5.41 32.58 8.24
CA ILE A 345 -5.88 31.40 7.52
C ILE A 345 -6.22 31.67 6.05
N ASN A 346 -6.32 32.95 5.68
CA ASN A 346 -6.65 33.29 4.30
C ASN A 346 -5.52 34.00 3.56
N LYS A 347 -4.37 34.16 4.22
CA LYS A 347 -3.26 34.85 3.58
C LYS A 347 -1.90 34.42 4.12
N ALA A 348 -1.11 33.78 3.27
CA ALA A 348 0.23 33.32 3.65
C ALA A 348 1.18 34.50 3.81
N LYS A 349 2.08 34.40 4.79
CA LYS A 349 3.07 35.43 5.03
C LYS A 349 4.38 35.04 4.37
N PRO A 350 4.87 35.84 3.41
CA PRO A 350 6.13 35.54 2.72
C PRO A 350 7.27 35.30 3.72
N SER A 351 8.14 34.34 3.40
CA SER A 351 9.26 34.02 4.27
C SER A 351 10.18 35.23 4.47
N SER A 352 10.18 36.14 3.52
CA SER A 352 11.01 37.34 3.60
C SER A 352 10.56 38.25 4.74
N GLU A 353 9.34 38.04 5.22
CA GLU A 353 8.79 38.84 6.31
C GLU A 353 8.86 38.09 7.63
N ILE A 354 9.51 36.93 7.62
CA ILE A 354 9.64 36.11 8.81
C ILE A 354 11.10 35.94 9.23
N ARG A 355 11.38 36.26 10.48
CA ARG A 355 12.72 36.16 11.03
C ARG A 355 12.66 35.33 12.31
N PRO A 356 13.83 34.90 12.83
CA PRO A 356 13.83 34.13 14.06
C PRO A 356 13.10 34.94 15.12
N GLY A 357 12.28 34.27 15.94
CA GLY A 357 11.52 34.98 16.96
C GLY A 357 12.34 35.60 18.07
N LYS A 358 11.70 36.54 18.78
CA LYS A 358 12.33 37.22 19.90
C LYS A 358 11.95 36.40 21.12
N LEU A 359 12.89 35.63 21.64
CA LEU A 359 12.65 34.74 22.77
C LEU A 359 12.73 35.34 24.17
N ALA A 360 13.32 36.52 24.29
CA ALA A 360 13.46 37.17 25.59
C ALA A 360 12.25 37.09 26.52
N PRO A 361 11.06 37.45 26.03
CA PRO A 361 9.84 37.40 26.86
C PRO A 361 9.47 36.01 27.37
N TYR A 362 10.10 34.98 26.81
CA TYR A 362 9.80 33.61 27.19
C TYR A 362 10.97 32.85 27.80
N GLU A 363 12.05 33.57 28.09
CA GLU A 363 13.23 32.95 28.68
C GLU A 363 12.94 32.44 30.09
N THR B 1 19.40 8.31 5.43
CA THR B 1 18.72 7.95 6.67
C THR B 1 17.69 6.84 6.50
N THR B 2 17.48 6.11 7.58
CA THR B 2 16.47 5.07 7.61
C THR B 2 15.99 5.03 9.05
N HIS B 3 14.70 4.76 9.22
CA HIS B 3 14.11 4.69 10.55
C HIS B 3 13.41 3.36 10.76
N TYR B 4 13.48 2.85 11.99
CA TYR B 4 12.79 1.62 12.32
C TYR B 4 12.26 1.70 13.74
N SER B 5 11.17 0.97 13.99
CA SER B 5 10.52 0.97 15.31
C SER B 5 10.34 -0.45 15.84
N VAL B 6 10.40 -0.58 17.16
CA VAL B 6 10.25 -1.87 17.82
C VAL B 6 9.45 -1.79 19.13
N VAL B 7 8.57 -2.76 19.36
CA VAL B 7 7.78 -2.84 20.59
C VAL B 7 7.79 -4.33 20.95
N ASP B 8 8.22 -4.66 22.16
CA ASP B 8 8.25 -6.06 22.56
C ASP B 8 7.02 -6.50 23.33
N LYS B 9 6.99 -7.78 23.71
CA LYS B 9 5.88 -8.38 24.44
C LYS B 9 5.57 -7.73 25.78
N ASP B 10 6.56 -7.08 26.37
CA ASP B 10 6.41 -6.43 27.67
C ASP B 10 5.95 -4.98 27.56
N GLY B 11 5.91 -4.46 26.34
CA GLY B 11 5.50 -3.09 26.14
C GLY B 11 6.64 -2.11 26.04
N ASN B 12 7.87 -2.61 26.02
CA ASN B 12 9.03 -1.73 25.87
C ASN B 12 9.06 -1.28 24.42
N ALA B 13 9.47 -0.04 24.18
CA ALA B 13 9.52 0.48 22.81
C ALA B 13 10.82 1.18 22.49
N VAL B 14 11.23 1.09 21.24
CA VAL B 14 12.44 1.74 20.77
C VAL B 14 12.21 2.28 19.37
N ALA B 15 12.70 3.50 19.13
CA ALA B 15 12.57 4.13 17.83
C ALA B 15 13.98 4.57 17.45
N VAL B 16 14.49 4.06 16.33
CA VAL B 16 15.84 4.41 15.90
C VAL B 16 15.88 5.04 14.53
N THR B 17 16.57 6.16 14.42
CA THR B 17 16.75 6.82 13.13
C THR B 17 18.28 6.96 13.02
N TYR B 18 18.89 6.37 12.00
CA TYR B 18 20.33 6.54 11.83
C TYR B 18 20.65 6.70 10.36
N THR B 19 21.85 7.20 10.05
CA THR B 19 22.13 7.54 8.67
C THR B 19 23.61 7.72 8.30
N LEU B 20 23.86 7.82 7.01
CA LEU B 20 25.19 8.10 6.47
C LEU B 20 25.07 9.50 5.88
N ASN B 21 23.86 10.04 6.02
CA ASN B 21 23.41 11.34 5.51
C ASN B 21 22.81 11.06 4.13
N THR B 22 23.48 11.42 3.05
CA THR B 22 22.91 11.12 1.72
C THR B 22 23.00 9.62 1.45
N THR B 23 22.35 9.17 0.38
CA THR B 23 22.33 7.74 0.03
C THR B 23 23.73 7.21 -0.24
N PHE B 24 24.17 6.25 0.59
CA PHE B 24 25.51 5.66 0.50
C PHE B 24 26.55 6.63 1.04
N GLY B 25 26.11 7.75 1.59
CA GLY B 25 27.03 8.74 2.12
C GLY B 25 28.02 9.20 1.06
N THR B 26 29.29 9.26 1.41
CA THR B 26 30.34 9.68 0.47
C THR B 26 30.54 8.60 -0.58
N GLY B 27 30.08 7.39 -0.28
CA GLY B 27 30.26 6.29 -1.21
C GLY B 27 31.66 5.74 -1.07
N ILE B 28 32.37 6.18 -0.02
CA ILE B 28 33.74 5.75 0.24
C ILE B 28 33.79 4.68 1.33
N VAL B 29 34.36 3.52 1.00
CA VAL B 29 34.51 2.45 1.98
C VAL B 29 35.84 2.70 2.70
N ALA B 30 35.87 2.46 3.99
CA ALA B 30 37.09 2.69 4.76
C ALA B 30 38.06 1.52 4.64
N GLY B 31 39.03 1.66 3.73
CA GLY B 31 40.00 0.61 3.54
C GLY B 31 39.39 -0.76 3.31
N GLU B 32 39.93 -1.76 4.00
CA GLU B 32 39.43 -3.13 3.85
C GLU B 32 38.42 -3.49 4.94
N SER B 33 37.71 -2.49 5.46
CA SER B 33 36.72 -2.71 6.51
C SER B 33 35.35 -3.03 5.94
N GLY B 34 35.13 -2.63 4.69
CA GLY B 34 33.85 -2.85 4.05
C GLY B 34 32.79 -1.89 4.55
N ILE B 35 33.19 -0.90 5.34
CA ILE B 35 32.28 0.08 5.91
C ILE B 35 32.22 1.41 5.14
N LEU B 36 31.03 1.79 4.69
CA LEU B 36 30.86 3.05 3.96
C LEU B 36 30.94 4.23 4.92
N LEU B 37 31.55 5.32 4.46
CA LEU B 37 31.72 6.51 5.28
C LEU B 37 30.69 7.61 5.01
N ASN B 38 30.15 8.15 6.09
CA ASN B 38 29.13 9.20 6.06
C ASN B 38 29.63 10.53 5.51
N ASN B 39 28.69 11.38 5.10
CA ASN B 39 29.03 12.73 4.67
C ASN B 39 28.17 13.67 5.51
N GLN B 40 28.15 13.38 6.82
CA GLN B 40 27.35 14.15 7.78
C GLN B 40 27.83 15.59 7.97
N MET B 41 29.08 15.87 7.58
CA MET B 41 29.61 17.21 7.75
C MET B 41 28.82 18.27 6.99
N ASP B 42 28.07 17.85 5.96
CA ASP B 42 27.28 18.81 5.21
C ASP B 42 26.11 19.34 6.04
N ASP B 43 25.85 18.72 7.20
CA ASP B 43 24.76 19.18 8.05
C ASP B 43 25.13 20.42 8.85
N PHE B 44 26.41 20.78 8.85
CA PHE B 44 26.87 21.98 9.54
C PHE B 44 26.56 23.11 8.56
N SER B 45 26.57 24.34 9.05
CA SER B 45 26.38 25.49 8.17
C SER B 45 27.81 25.77 7.71
N ALA B 46 28.06 25.67 6.41
CA ALA B 46 29.40 25.90 5.86
C ALA B 46 29.80 27.36 5.88
N LYS B 47 28.79 28.22 5.76
CA LYS B 47 28.98 29.66 5.75
C LYS B 47 27.61 30.24 6.10
N PRO B 48 27.57 31.23 6.99
CA PRO B 48 26.30 31.84 7.39
C PRO B 48 25.43 32.28 6.21
N GLY B 49 24.18 31.81 6.18
CA GLY B 49 23.28 32.22 5.12
C GLY B 49 23.30 31.44 3.82
N VAL B 50 24.19 30.45 3.71
CA VAL B 50 24.29 29.63 2.50
C VAL B 50 23.66 28.28 2.81
N PRO B 51 22.72 27.82 1.96
CA PRO B 51 22.07 26.53 2.18
C PRO B 51 22.90 25.29 1.90
N ASN B 52 22.59 24.21 2.62
CA ASN B 52 23.28 22.95 2.41
C ASN B 52 22.44 22.11 1.45
N VAL B 53 22.74 20.83 1.31
CA VAL B 53 22.03 19.99 0.36
C VAL B 53 20.50 19.92 0.54
N TYR B 54 20.01 20.18 1.75
CA TYR B 54 18.57 20.13 2.00
C TYR B 54 17.91 21.51 2.01
N GLY B 55 18.69 22.53 1.69
CA GLY B 55 18.16 23.89 1.66
C GLY B 55 18.13 24.52 3.03
N LEU B 56 18.76 23.89 4.01
CA LEU B 56 18.80 24.42 5.37
C LEU B 56 19.95 25.41 5.52
N VAL B 57 19.73 26.41 6.37
CA VAL B 57 20.75 27.43 6.61
C VAL B 57 21.08 27.58 8.08
N GLY B 58 22.18 28.25 8.38
CA GLY B 58 22.58 28.44 9.77
C GLY B 58 23.49 29.62 9.97
N GLY B 59 24.09 29.67 11.15
CA GLY B 59 25.00 30.74 11.51
C GLY B 59 26.04 30.26 12.49
N ASP B 60 26.19 30.95 13.61
CA ASP B 60 27.18 30.56 14.60
C ASP B 60 26.84 29.27 15.34
N ALA B 61 25.57 29.12 15.73
CA ALA B 61 25.14 27.95 16.48
C ALA B 61 25.51 26.62 15.82
N ASN B 62 25.27 26.51 14.52
CA ASN B 62 25.56 25.28 13.79
C ASN B 62 26.79 25.37 12.89
N ALA B 63 27.70 26.28 13.20
CA ALA B 63 28.91 26.42 12.40
C ALA B 63 29.82 25.23 12.66
N VAL B 64 30.65 24.89 11.69
CA VAL B 64 31.59 23.78 11.84
C VAL B 64 32.57 24.11 12.97
N GLY B 65 32.92 23.10 13.75
CA GLY B 65 33.86 23.28 14.83
C GLY B 65 34.46 21.94 15.22
N PRO B 66 35.68 21.93 15.76
CA PRO B 66 36.28 20.64 16.14
C PRO B 66 35.48 19.90 17.21
N ASN B 67 35.31 18.59 17.00
CA ASN B 67 34.59 17.71 17.91
C ASN B 67 33.11 18.03 18.07
N LYS B 68 32.61 18.94 17.26
CA LYS B 68 31.21 19.34 17.34
C LYS B 68 30.29 18.40 16.58
N ARG B 69 29.07 18.22 17.08
CA ARG B 69 28.09 17.34 16.43
C ARG B 69 27.22 18.22 15.54
N PRO B 70 27.21 17.95 14.22
CA PRO B 70 26.39 18.77 13.34
C PRO B 70 24.91 18.62 13.62
N LEU B 71 24.19 19.73 13.53
CA LEU B 71 22.75 19.73 13.77
C LEU B 71 22.03 18.75 12.85
N SER B 72 21.09 18.01 13.44
CA SER B 72 20.31 17.03 12.69
C SER B 72 18.82 17.37 12.73
N SER B 73 18.05 16.71 11.90
CA SER B 73 16.59 16.89 11.86
C SER B 73 15.93 15.57 12.22
N MET B 74 16.74 14.53 12.45
CA MET B 74 16.22 13.20 12.78
C MET B 74 15.29 13.25 13.97
N SER B 75 14.12 12.62 13.82
CA SER B 75 13.12 12.67 14.86
C SER B 75 12.44 11.36 15.30
N PRO B 76 13.21 10.41 15.85
CA PRO B 76 12.54 9.19 16.30
C PRO B 76 11.57 9.70 17.36
N THR B 77 10.30 9.30 17.27
CA THR B 77 9.30 9.84 18.18
C THR B 77 8.31 8.84 18.79
N ILE B 78 7.89 9.13 20.02
CA ILE B 78 6.92 8.31 20.70
C ILE B 78 5.85 9.22 21.27
N VAL B 79 4.60 8.89 21.00
CA VAL B 79 3.48 9.66 21.51
C VAL B 79 2.80 8.82 22.58
N VAL B 80 2.47 9.44 23.70
CA VAL B 80 1.83 8.77 24.82
C VAL B 80 0.35 9.15 24.93
N LYS B 81 -0.50 8.13 25.08
CA LYS B 81 -1.94 8.32 25.22
C LYS B 81 -2.40 7.63 26.50
N ASP B 82 -3.15 8.34 27.33
CA ASP B 82 -3.63 7.79 28.60
C ASP B 82 -2.50 7.18 29.42
N GLY B 83 -1.36 7.85 29.41
CA GLY B 83 -0.20 7.40 30.18
C GLY B 83 0.56 6.21 29.63
N LYS B 84 0.21 5.75 28.44
CA LYS B 84 0.90 4.61 27.87
C LYS B 84 1.45 4.87 26.47
N THR B 85 2.55 4.20 26.14
CA THR B 85 3.14 4.32 24.82
C THR B 85 2.02 4.01 23.84
N TRP B 86 1.82 4.91 22.87
CA TRP B 86 0.75 4.76 21.92
C TRP B 86 1.20 4.72 20.46
N LEU B 87 2.08 5.65 20.08
CA LEU B 87 2.57 5.67 18.70
C LEU B 87 4.09 5.77 18.71
N VAL B 88 4.73 4.88 17.94
CA VAL B 88 6.18 4.85 17.81
C VAL B 88 6.43 5.10 16.33
N THR B 89 7.11 6.19 16.00
CA THR B 89 7.34 6.50 14.60
C THR B 89 8.65 7.24 14.33
N GLY B 90 8.86 7.59 13.07
CA GLY B 90 10.07 8.28 12.66
C GLY B 90 10.19 8.13 11.16
N SER B 91 11.18 8.79 10.56
CA SER B 91 11.35 8.72 9.11
C SER B 91 12.60 9.43 8.61
N PRO B 92 13.02 9.10 7.38
CA PRO B 92 14.19 9.73 6.77
C PRO B 92 13.64 10.95 6.03
N GLY B 93 14.50 11.71 5.37
CA GLY B 93 14.02 12.87 4.63
C GLY B 93 14.77 14.16 4.85
N GLY B 94 15.94 14.09 5.48
CA GLY B 94 16.71 15.30 5.73
C GLY B 94 15.86 16.35 6.42
N SER B 95 15.75 17.53 5.81
CA SER B 95 14.97 18.61 6.39
C SER B 95 13.49 18.29 6.52
N ARG B 96 13.00 17.34 5.72
CA ARG B 96 11.59 16.97 5.74
C ARG B 96 11.19 16.01 6.85
N ILE B 97 12.17 15.51 7.61
CA ILE B 97 11.86 14.59 8.70
C ILE B 97 10.90 15.24 9.70
N ILE B 98 11.17 16.48 10.07
CA ILE B 98 10.35 17.20 11.03
C ILE B 98 8.88 17.26 10.61
N THR B 99 8.62 17.66 9.37
CA THR B 99 7.24 17.76 8.91
C THR B 99 6.57 16.41 8.65
N THR B 100 7.35 15.42 8.20
CA THR B 100 6.77 14.10 7.95
C THR B 100 6.29 13.50 9.27
N VAL B 101 7.12 13.59 10.31
CA VAL B 101 6.76 13.04 11.61
C VAL B 101 5.60 13.86 12.19
N LEU B 102 5.67 15.18 12.01
CA LEU B 102 4.61 16.05 12.49
C LEU B 102 3.27 15.58 11.93
N GLN B 103 3.26 15.30 10.62
CA GLN B 103 2.03 14.85 9.97
C GLN B 103 1.55 13.51 10.52
N MET B 104 2.48 12.62 10.89
CA MET B 104 2.07 11.35 11.45
C MET B 104 1.34 11.60 12.78
N VAL B 105 1.86 12.53 13.56
CA VAL B 105 1.26 12.85 14.85
C VAL B 105 -0.10 13.53 14.68
N VAL B 106 -0.19 14.51 13.80
CA VAL B 106 -1.45 15.22 13.54
C VAL B 106 -2.49 14.26 12.96
N ASN B 107 -2.08 13.43 12.00
CA ASN B 107 -2.99 12.47 11.39
C ASN B 107 -3.58 11.52 12.42
N SER B 108 -2.75 11.10 13.37
CA SER B 108 -3.16 10.16 14.40
C SER B 108 -4.06 10.79 15.45
N ILE B 109 -3.65 11.95 15.95
CA ILE B 109 -4.39 12.65 16.98
C ILE B 109 -5.59 13.46 16.51
N ASP B 110 -5.37 14.38 15.58
CA ASP B 110 -6.45 15.23 15.09
C ASP B 110 -7.42 14.58 14.12
N TYR B 111 -6.92 13.76 13.20
CA TYR B 111 -7.79 13.14 12.21
C TYR B 111 -8.20 11.71 12.54
N GLY B 112 -7.69 11.18 13.65
CA GLY B 112 -8.03 9.83 14.08
C GLY B 112 -7.79 8.72 13.09
N LEU B 113 -6.77 8.86 12.25
CA LEU B 113 -6.45 7.84 11.24
C LEU B 113 -5.70 6.67 11.87
N ASN B 114 -5.96 5.45 11.42
CA ASN B 114 -5.22 4.33 11.98
C ASN B 114 -3.81 4.46 11.44
N VAL B 115 -2.86 3.73 12.02
CA VAL B 115 -1.47 3.87 11.60
C VAL B 115 -1.20 3.68 10.10
N ALA B 116 -1.95 2.79 9.45
CA ALA B 116 -1.75 2.58 8.02
C ALA B 116 -2.32 3.77 7.24
N GLU B 117 -3.48 4.25 7.67
CA GLU B 117 -4.10 5.40 7.01
C GLU B 117 -3.21 6.64 7.12
N ALA B 118 -2.64 6.86 8.30
CA ALA B 118 -1.78 8.01 8.54
C ALA B 118 -0.52 7.93 7.68
N THR B 119 -0.04 6.71 7.49
CA THR B 119 1.16 6.43 6.71
C THR B 119 0.97 6.62 5.20
N ASN B 120 -0.16 6.17 4.69
CA ASN B 120 -0.42 6.27 3.25
C ASN B 120 -0.96 7.62 2.79
N ALA B 121 -1.36 8.47 3.73
CA ALA B 121 -1.87 9.79 3.38
C ALA B 121 -0.76 10.63 2.76
N PRO B 122 -1.11 11.54 1.84
CA PRO B 122 -0.11 12.40 1.19
C PRO B 122 0.51 13.42 2.17
N ARG B 123 1.71 13.88 1.85
CA ARG B 123 2.44 14.81 2.70
C ARG B 123 2.79 16.13 2.03
N PHE B 124 2.85 17.19 2.84
CA PHE B 124 3.23 18.51 2.34
C PHE B 124 4.31 19.05 3.27
N HIS B 125 5.00 20.10 2.84
CA HIS B 125 6.12 20.60 3.63
C HIS B 125 6.54 22.02 3.27
N HIS B 126 6.84 22.81 4.30
CA HIS B 126 7.33 24.17 4.08
C HIS B 126 8.44 24.39 5.08
N GLN B 127 9.64 24.71 4.58
CA GLN B 127 10.78 24.92 5.47
C GLN B 127 11.30 26.36 5.49
N TRP B 128 10.40 27.32 5.30
CA TRP B 128 10.75 28.74 5.32
C TRP B 128 11.57 29.13 4.09
N LEU B 129 12.78 28.56 3.98
CA LEU B 129 13.64 28.80 2.83
C LEU B 129 14.04 27.44 2.27
N PRO B 130 13.80 27.21 0.98
CA PRO B 130 13.17 28.13 0.04
C PRO B 130 11.69 28.37 0.35
N ASP B 131 11.18 29.53 -0.05
CA ASP B 131 9.77 29.86 0.21
C ASP B 131 8.86 29.17 -0.79
N GLU B 132 8.48 27.93 -0.46
CA GLU B 132 7.61 27.15 -1.31
C GLU B 132 6.87 26.12 -0.46
N LEU B 133 5.63 25.84 -0.82
CA LEU B 133 4.84 24.85 -0.11
C LEU B 133 4.99 23.57 -0.93
N ARG B 134 5.93 22.72 -0.53
CA ARG B 134 6.18 21.47 -1.21
C ARG B 134 5.07 20.46 -0.94
N VAL B 135 4.60 19.80 -1.99
CA VAL B 135 3.56 18.79 -1.83
C VAL B 135 3.87 17.55 -2.66
N GLU B 136 3.30 16.43 -2.23
CA GLU B 136 3.45 15.17 -2.95
C GLU B 136 2.19 15.08 -3.82
N LYS B 137 2.14 14.06 -4.67
CA LYS B 137 0.95 13.85 -5.48
C LYS B 137 -0.10 13.42 -4.46
N GLY B 138 -1.38 13.66 -4.74
CA GLY B 138 -2.40 13.21 -3.80
C GLY B 138 -3.36 14.23 -3.22
N PHE B 139 -3.07 15.51 -3.40
CA PHE B 139 -3.97 16.52 -2.87
C PHE B 139 -4.95 16.95 -3.95
N SER B 140 -6.17 17.24 -3.54
CA SER B 140 -7.22 17.63 -4.48
C SER B 140 -6.90 18.92 -5.24
N PRO B 141 -7.22 18.94 -6.54
CA PRO B 141 -6.96 20.13 -7.36
C PRO B 141 -7.72 21.32 -6.77
N ASP B 142 -8.87 21.04 -6.16
CA ASP B 142 -9.69 22.08 -5.55
C ASP B 142 -8.97 22.67 -4.34
N THR B 143 -8.31 21.79 -3.59
CA THR B 143 -7.57 22.23 -2.41
C THR B 143 -6.34 23.03 -2.79
N LEU B 144 -5.61 22.55 -3.79
CA LEU B 144 -4.41 23.24 -4.24
C LEU B 144 -4.71 24.62 -4.80
N LYS B 145 -5.85 24.78 -5.45
CA LYS B 145 -6.20 26.09 -6.00
C LYS B 145 -6.53 27.05 -4.87
N LEU B 146 -7.13 26.53 -3.80
CA LEU B 146 -7.47 27.37 -2.66
C LEU B 146 -6.18 27.82 -1.97
N LEU B 147 -5.19 26.93 -1.90
CA LEU B 147 -3.92 27.27 -1.28
C LEU B 147 -3.19 28.33 -2.09
N GLU B 148 -3.27 28.25 -3.40
CA GLU B 148 -2.62 29.24 -4.25
C GLU B 148 -3.31 30.59 -4.08
N ALA B 149 -4.62 30.55 -3.90
CA ALA B 149 -5.40 31.77 -3.72
C ALA B 149 -5.04 32.42 -2.38
N LYS B 150 -4.58 31.60 -1.43
CA LYS B 150 -4.18 32.09 -0.12
C LYS B 150 -2.78 32.67 -0.17
N GLY B 151 -2.08 32.47 -1.29
CA GLY B 151 -0.74 33.00 -1.44
C GLY B 151 0.36 31.98 -1.34
N GLN B 152 0.02 30.72 -1.09
CA GLN B 152 1.04 29.68 -1.00
C GLN B 152 1.63 29.42 -2.38
N LYS B 153 2.92 29.15 -2.42
CA LYS B 153 3.61 28.86 -3.67
C LYS B 153 3.79 27.35 -3.72
N VAL B 154 2.77 26.66 -4.23
CA VAL B 154 2.76 25.20 -4.31
C VAL B 154 3.76 24.63 -5.31
N ALA B 155 4.56 23.67 -4.84
CA ALA B 155 5.55 23.01 -5.68
C ALA B 155 5.40 21.51 -5.55
N LEU B 156 5.01 20.86 -6.64
CA LEU B 156 4.84 19.41 -6.66
C LEU B 156 6.21 18.77 -6.83
N LYS B 157 6.63 18.00 -5.84
CA LYS B 157 7.93 17.34 -5.89
C LYS B 157 7.91 15.86 -5.54
N GLU B 158 9.10 15.27 -5.49
CA GLU B 158 9.29 13.85 -5.18
C GLU B 158 8.63 13.43 -3.87
N ALA B 159 8.30 12.15 -3.76
CA ALA B 159 7.68 11.64 -2.53
C ALA B 159 8.61 11.91 -1.35
N MET B 160 8.02 12.14 -0.18
CA MET B 160 8.77 12.43 1.04
C MET B 160 8.69 11.39 2.15
N GLY B 161 9.86 10.88 2.54
CA GLY B 161 9.95 9.95 3.64
C GLY B 161 9.66 8.47 3.49
N SER B 162 9.79 7.78 4.62
CA SER B 162 9.53 6.35 4.73
C SER B 162 9.27 6.08 6.20
N THR B 163 8.03 6.30 6.61
CA THR B 163 7.66 6.06 8.00
C THR B 163 7.52 4.57 8.25
N GLN B 164 8.00 4.13 9.41
CA GLN B 164 7.94 2.74 9.82
C GLN B 164 7.42 2.90 11.24
N SER B 165 6.13 2.65 11.42
CA SER B 165 5.48 2.89 12.69
C SER B 165 4.71 1.76 13.36
N ILE B 166 4.49 1.91 14.67
CA ILE B 166 3.75 0.94 15.47
C ILE B 166 2.82 1.71 16.41
N MET B 167 1.54 1.34 16.41
CA MET B 167 0.58 1.96 17.31
C MET B 167 0.19 0.88 18.31
N VAL B 168 0.10 1.24 19.58
CA VAL B 168 -0.25 0.29 20.62
C VAL B 168 -1.67 0.51 21.11
N GLY B 169 -2.49 -0.54 20.99
CA GLY B 169 -3.88 -0.46 21.41
C GLY B 169 -4.05 -0.40 22.91
N PRO B 170 -5.26 -0.06 23.39
CA PRO B 170 -5.55 0.04 24.82
C PRO B 170 -5.44 -1.29 25.54
N ASP B 171 -5.44 -2.38 24.78
CA ASP B 171 -5.34 -3.71 25.34
C ASP B 171 -3.97 -4.35 25.09
N GLY B 172 -3.01 -3.56 24.62
CA GLY B 172 -1.68 -4.08 24.36
C GLY B 172 -1.50 -4.61 22.96
N GLU B 173 -2.60 -4.68 22.21
CA GLU B 173 -2.60 -5.16 20.83
C GLU B 173 -1.71 -4.22 20.00
N LEU B 174 -0.96 -4.77 19.04
CA LEU B 174 -0.08 -3.94 18.21
C LEU B 174 -0.56 -3.77 16.77
N TYR B 175 -0.40 -2.56 16.25
CA TYR B 175 -0.81 -2.23 14.89
C TYR B 175 0.40 -1.57 14.22
N GLY B 176 0.78 -2.04 13.04
CA GLY B 176 1.93 -1.45 12.38
C GLY B 176 1.74 -1.08 10.93
N ALA B 177 2.64 -0.25 10.42
CA ALA B 177 2.56 0.16 9.03
C ALA B 177 3.88 0.59 8.44
N SER B 178 4.18 0.03 7.27
CA SER B 178 5.37 0.38 6.52
C SER B 178 4.89 1.39 5.49
N ASP B 179 5.82 2.10 4.88
CA ASP B 179 5.49 3.16 3.92
C ASP B 179 5.34 2.74 2.46
N PRO B 180 4.28 3.19 1.77
CA PRO B 180 4.14 2.81 0.37
C PRO B 180 5.26 3.38 -0.49
N ARG B 181 5.90 4.43 0.00
CA ARG B 181 6.98 5.09 -0.73
C ARG B 181 8.26 4.26 -0.82
N SER B 182 8.40 3.27 0.07
CA SER B 182 9.58 2.40 0.09
C SER B 182 9.24 0.95 -0.26
N VAL B 183 9.75 0.45 -1.37
CA VAL B 183 9.48 -0.94 -1.72
C VAL B 183 10.42 -1.85 -0.93
N ASP B 184 10.04 -3.12 -0.80
CA ASP B 184 10.80 -4.13 -0.09
C ASP B 184 10.96 -3.94 1.42
N ASP B 185 10.14 -3.10 2.02
CA ASP B 185 10.21 -2.90 3.47
C ASP B 185 9.22 -3.86 4.11
N LEU B 186 9.13 -3.83 5.44
CA LEU B 186 8.22 -4.73 6.11
C LEU B 186 7.98 -4.43 7.58
N THR B 187 6.73 -4.62 7.99
CA THR B 187 6.32 -4.47 9.37
C THR B 187 5.76 -5.85 9.65
N ALA B 188 6.30 -6.50 10.67
CA ALA B 188 5.84 -7.83 11.01
C ALA B 188 5.94 -8.06 12.49
N GLY B 189 5.22 -9.05 12.98
CA GLY B 189 5.28 -9.33 14.41
C GLY B 189 4.85 -10.75 14.71
N TYR B 190 4.42 -11.01 15.95
CA TYR B 190 4.01 -12.33 16.35
C TYR B 190 3.16 -12.23 17.61
N GLU C 14 8.66 11.97 -7.13
CA GLU C 14 8.73 10.72 -7.92
C GLU C 14 7.40 9.97 -7.64
N ASP C 15 7.34 8.77 -7.08
CA ASP C 15 6.01 8.20 -6.83
C ASP C 15 5.77 7.83 -5.37
N VAL C 16 4.52 7.97 -4.91
CA VAL C 16 4.18 7.59 -3.54
C VAL C 16 3.84 6.11 -3.55
N PHE C 17 3.18 5.67 -4.61
CA PHE C 17 2.80 4.25 -4.74
C PHE C 17 3.59 3.62 -5.87
N HIS C 18 4.15 2.45 -5.60
CA HIS C 18 4.99 1.74 -6.58
C HIS C 18 4.47 0.36 -6.94
N PRO C 19 4.43 0.05 -8.24
CA PRO C 19 3.96 -1.26 -8.70
C PRO C 19 5.00 -2.34 -8.46
N VAL C 20 4.54 -3.58 -8.40
CA VAL C 20 5.45 -4.71 -8.26
C VAL C 20 6.02 -4.85 -9.68
N ARG C 21 7.28 -5.24 -9.80
CA ARG C 21 7.89 -5.36 -11.11
C ARG C 21 8.38 -6.78 -11.41
N ALA C 22 8.25 -7.17 -12.68
CA ALA C 22 8.69 -8.48 -13.14
C ALA C 22 9.08 -8.36 -14.61
N LYS C 23 10.05 -9.17 -15.03
CA LYS C 23 10.50 -9.10 -16.41
C LYS C 23 9.81 -10.06 -17.37
N GLN C 24 9.39 -11.23 -16.86
CA GLN C 24 8.78 -12.23 -17.71
C GLN C 24 7.28 -12.48 -17.53
N GLY C 25 6.89 -12.95 -16.35
CA GLY C 25 5.48 -13.23 -16.12
C GLY C 25 4.99 -12.64 -14.81
N MET C 26 3.67 -12.52 -14.67
CA MET C 26 3.12 -11.94 -13.44
C MET C 26 1.70 -12.40 -13.19
N VAL C 27 1.37 -12.52 -11.91
CA VAL C 27 0.04 -12.92 -11.48
C VAL C 27 -0.38 -12.01 -10.34
N ALA C 28 -1.62 -11.53 -10.38
CA ALA C 28 -2.16 -10.68 -9.34
C ALA C 28 -3.46 -11.34 -8.86
N SER C 29 -3.54 -11.66 -7.58
CA SER C 29 -4.75 -12.29 -7.04
C SER C 29 -4.98 -11.87 -5.59
N VAL C 30 -6.16 -12.18 -5.07
CA VAL C 30 -6.52 -11.80 -3.70
C VAL C 30 -5.88 -12.69 -2.64
N ASP C 31 -5.17 -13.73 -3.06
CA ASP C 31 -4.57 -14.66 -2.11
C ASP C 31 -3.12 -15.00 -2.44
N ALA C 32 -2.23 -14.80 -1.46
CA ALA C 32 -0.81 -15.06 -1.65
C ALA C 32 -0.53 -16.46 -2.18
N THR C 33 -1.10 -17.48 -1.54
CA THR C 33 -0.87 -18.86 -1.96
C THR C 33 -1.29 -19.10 -3.41
N ALA C 34 -2.48 -18.63 -3.78
CA ALA C 34 -2.97 -18.82 -5.14
C ALA C 34 -2.07 -18.11 -6.15
N THR C 35 -1.61 -16.91 -5.81
CA THR C 35 -0.74 -16.16 -6.70
C THR C 35 0.52 -16.95 -6.96
N GLN C 36 1.08 -17.53 -5.89
CA GLN C 36 2.31 -18.30 -5.99
C GLN C 36 2.11 -19.56 -6.85
N VAL C 37 0.91 -20.15 -6.76
CA VAL C 37 0.59 -21.32 -7.55
C VAL C 37 0.65 -20.93 -9.03
N GLY C 38 0.07 -19.78 -9.33
CA GLY C 38 0.05 -19.30 -10.71
C GLY C 38 1.45 -19.00 -11.24
N VAL C 39 2.25 -18.32 -10.42
CA VAL C 39 3.61 -17.99 -10.82
C VAL C 39 4.39 -19.27 -11.09
N ASP C 40 4.23 -20.26 -10.21
CA ASP C 40 4.94 -21.53 -10.39
C ASP C 40 4.55 -22.19 -11.70
N ILE C 41 3.27 -22.11 -12.07
CA ILE C 41 2.82 -22.71 -13.33
C ILE C 41 3.52 -22.01 -14.50
N LEU C 42 3.66 -20.69 -14.40
CA LEU C 42 4.32 -19.93 -15.45
C LEU C 42 5.79 -20.33 -15.56
N LYS C 43 6.46 -20.46 -14.42
CA LYS C 43 7.86 -20.83 -14.40
C LYS C 43 8.07 -22.22 -14.99
N GLU C 44 7.09 -23.09 -14.80
CA GLU C 44 7.16 -24.45 -15.31
C GLU C 44 6.91 -24.52 -16.82
N GLY C 45 6.50 -23.41 -17.41
CA GLY C 45 6.26 -23.40 -18.84
C GLY C 45 4.82 -23.23 -19.29
N GLY C 46 3.89 -23.16 -18.34
CA GLY C 46 2.50 -23.00 -18.72
C GLY C 46 2.23 -21.60 -19.23
N ASN C 47 1.20 -21.43 -20.07
CA ASN C 47 0.90 -20.10 -20.56
C ASN C 47 -0.08 -19.38 -19.64
N ALA C 48 -0.49 -18.17 -20.02
CA ALA C 48 -1.40 -17.40 -19.19
C ALA C 48 -2.69 -18.13 -18.85
N VAL C 49 -3.24 -18.88 -19.80
CA VAL C 49 -4.46 -19.63 -19.55
C VAL C 49 -4.21 -20.77 -18.57
N ASP C 50 -3.11 -21.49 -18.76
CA ASP C 50 -2.78 -22.59 -17.85
C ASP C 50 -2.70 -22.06 -16.42
N ALA C 51 -1.96 -20.97 -16.24
CA ALA C 51 -1.81 -20.36 -14.93
C ALA C 51 -3.12 -19.85 -14.37
N ALA C 52 -3.94 -19.24 -15.22
CA ALA C 52 -5.22 -18.70 -14.79
C ALA C 52 -6.12 -19.82 -14.26
N VAL C 53 -6.12 -20.96 -14.94
CA VAL C 53 -6.94 -22.07 -14.49
C VAL C 53 -6.40 -22.64 -13.18
N ALA C 54 -5.08 -22.72 -13.07
CA ALA C 54 -4.46 -23.23 -11.84
C ALA C 54 -4.80 -22.31 -10.67
N VAL C 55 -4.76 -21.00 -10.90
CA VAL C 55 -5.09 -20.03 -9.85
C VAL C 55 -6.56 -20.15 -9.48
N GLY C 56 -7.42 -20.36 -10.49
CA GLY C 56 -8.84 -20.50 -10.24
C GLY C 56 -9.15 -21.71 -9.37
N TYR C 57 -8.46 -22.82 -9.62
CA TYR C 57 -8.67 -24.01 -8.82
C TYR C 57 -8.08 -23.81 -7.43
N ALA C 58 -6.93 -23.15 -7.34
CA ALA C 58 -6.30 -22.92 -6.04
C ALA C 58 -7.19 -22.06 -5.15
N LEU C 59 -7.77 -21.01 -5.72
CA LEU C 59 -8.64 -20.11 -4.97
C LEU C 59 -9.91 -20.81 -4.50
N ALA C 60 -10.33 -21.85 -5.22
CA ALA C 60 -11.54 -22.59 -4.86
C ALA C 60 -11.28 -23.31 -3.54
N VAL C 61 -10.00 -23.42 -3.18
CA VAL C 61 -9.59 -24.08 -1.94
C VAL C 61 -9.15 -23.09 -0.86
N THR C 62 -8.29 -22.13 -1.23
CA THR C 62 -7.76 -21.16 -0.28
C THR C 62 -8.59 -19.91 -0.03
N HIS C 63 -9.58 -19.66 -0.90
CA HIS C 63 -10.43 -18.48 -0.75
C HIS C 63 -11.88 -18.93 -0.93
N PRO C 64 -12.37 -19.80 -0.04
CA PRO C 64 -13.74 -20.30 -0.11
C PRO C 64 -14.83 -19.24 -0.09
N GLN C 65 -14.47 -18.02 0.32
CA GLN C 65 -15.47 -16.97 0.35
C GLN C 65 -15.91 -16.55 -1.05
N ALA C 66 -15.06 -16.75 -2.05
CA ALA C 66 -15.38 -16.37 -3.43
C ALA C 66 -14.77 -17.30 -4.47
N GLY C 67 -13.56 -17.81 -4.21
CA GLY C 67 -12.94 -18.76 -5.12
C GLY C 67 -13.92 -19.91 -5.07
N ASN C 68 -14.10 -20.66 -6.16
CA ASN C 68 -15.13 -21.68 -6.11
C ASN C 68 -15.16 -22.69 -7.24
N LEU C 69 -15.95 -23.74 -7.02
CA LEU C 69 -16.23 -24.76 -8.02
C LEU C 69 -17.76 -24.74 -8.07
N GLY C 70 -18.37 -24.19 -7.02
CA GLY C 70 -19.82 -24.15 -6.94
C GLY C 70 -20.50 -22.86 -7.38
N GLY C 71 -19.76 -22.02 -8.09
CA GLY C 71 -20.31 -20.76 -8.56
C GLY C 71 -20.10 -20.58 -10.06
N GLY C 72 -19.74 -19.36 -10.46
CA GLY C 72 -19.53 -19.11 -11.87
C GLY C 72 -18.81 -17.80 -12.08
N GLY C 73 -18.55 -17.46 -13.34
CA GLY C 73 -17.86 -16.22 -13.62
C GLY C 73 -17.57 -16.01 -15.09
N PHE C 74 -16.60 -15.14 -15.35
CA PHE C 74 -16.22 -14.77 -16.70
C PHE C 74 -14.71 -14.71 -16.85
N MET C 75 -14.24 -14.97 -18.07
CA MET C 75 -12.81 -14.91 -18.35
C MET C 75 -12.61 -14.14 -19.65
N LEU C 76 -11.69 -13.17 -19.61
CA LEU C 76 -11.38 -12.40 -20.82
C LEU C 76 -9.96 -12.86 -21.18
N ILE C 77 -9.78 -13.25 -22.43
CA ILE C 77 -8.48 -13.73 -22.89
C ILE C 77 -7.99 -12.95 -24.10
N ARG C 78 -6.73 -12.52 -24.08
CA ARG C 78 -6.18 -11.84 -25.24
C ARG C 78 -4.81 -12.46 -25.51
N SER C 79 -4.70 -13.20 -26.60
CA SER C 79 -3.44 -13.85 -26.95
C SER C 79 -2.46 -12.82 -27.51
N LYS C 80 -1.19 -13.21 -27.55
CA LYS C 80 -0.14 -12.33 -28.07
C LYS C 80 -0.43 -11.91 -29.50
N ASN C 81 -1.17 -12.73 -30.24
CA ASN C 81 -1.49 -12.43 -31.63
C ASN C 81 -2.62 -11.42 -31.77
N GLY C 82 -3.22 -11.03 -30.65
CA GLY C 82 -4.31 -10.05 -30.68
C GLY C 82 -5.70 -10.63 -30.62
N ASN C 83 -5.81 -11.96 -30.62
CA ASN C 83 -7.11 -12.62 -30.55
C ASN C 83 -7.70 -12.37 -29.16
N THR C 84 -8.78 -11.60 -29.09
CA THR C 84 -9.43 -11.29 -27.81
C THR C 84 -10.80 -11.95 -27.74
N THR C 85 -11.00 -12.79 -26.73
CA THR C 85 -12.27 -13.49 -26.59
C THR C 85 -12.76 -13.51 -25.15
N ALA C 86 -14.05 -13.79 -24.98
CA ALA C 86 -14.65 -13.83 -23.67
C ALA C 86 -15.31 -15.19 -23.43
N ILE C 87 -15.15 -15.70 -22.21
CA ILE C 87 -15.77 -16.97 -21.87
C ILE C 87 -16.80 -16.73 -20.78
N ASP C 88 -18.05 -17.06 -21.12
CA ASP C 88 -19.16 -16.91 -20.21
C ASP C 88 -19.41 -18.23 -19.50
N PHE C 89 -19.08 -18.28 -18.21
CA PHE C 89 -19.35 -19.48 -17.44
C PHE C 89 -20.18 -19.09 -16.22
N ARG C 90 -21.17 -18.25 -16.52
CA ARG C 90 -22.14 -17.76 -15.55
C ARG C 90 -23.14 -18.88 -15.29
N GLU C 91 -23.63 -18.98 -14.07
CA GLU C 91 -24.59 -20.03 -13.76
C GLU C 91 -25.88 -19.89 -14.54
N MET C 92 -26.53 -21.03 -14.78
CA MET C 92 -27.81 -21.07 -15.48
C MET C 92 -28.88 -21.39 -14.43
N ALA C 93 -30.00 -20.70 -14.49
CA ALA C 93 -31.09 -20.96 -13.56
C ALA C 93 -31.57 -22.38 -13.86
N PRO C 94 -31.96 -23.15 -12.83
CA PRO C 94 -32.44 -24.52 -13.03
C PRO C 94 -33.65 -24.51 -13.99
N ALA C 95 -33.86 -25.62 -14.69
CA ALA C 95 -34.98 -25.70 -15.62
C ALA C 95 -36.32 -25.54 -14.91
N LYS C 96 -36.34 -25.78 -13.60
CA LYS C 96 -37.57 -25.65 -12.83
C LYS C 96 -37.76 -24.26 -12.20
N ALA C 97 -36.84 -23.35 -12.48
CA ALA C 97 -36.94 -22.00 -11.96
C ALA C 97 -38.11 -21.30 -12.64
N THR C 98 -38.78 -20.40 -11.92
CA THR C 98 -39.92 -19.68 -12.45
C THR C 98 -39.82 -18.20 -12.09
N ARG C 99 -40.48 -17.36 -12.89
CA ARG C 99 -40.46 -15.92 -12.70
C ARG C 99 -40.70 -15.45 -11.27
N ASP C 100 -41.76 -15.97 -10.64
CA ASP C 100 -42.12 -15.55 -9.29
C ASP C 100 -41.67 -16.49 -8.17
N MET C 101 -40.64 -17.30 -8.42
CA MET C 101 -40.20 -18.25 -7.41
C MET C 101 -39.74 -17.64 -6.08
N PHE C 102 -39.34 -16.37 -6.08
CA PHE C 102 -38.87 -15.74 -4.85
C PHE C 102 -39.89 -14.85 -4.15
N LEU C 103 -41.13 -14.87 -4.62
CA LEU C 103 -42.17 -14.06 -4.02
C LEU C 103 -42.88 -14.81 -2.88
N ASP C 104 -43.23 -14.09 -1.82
CA ASP C 104 -43.93 -14.72 -0.71
C ASP C 104 -45.42 -14.75 -1.04
N ASP C 105 -46.23 -15.27 -0.13
CA ASP C 105 -47.67 -15.36 -0.35
C ASP C 105 -48.35 -14.04 -0.67
N GLN C 106 -47.72 -12.93 -0.28
CA GLN C 106 -48.27 -11.62 -0.53
C GLN C 106 -47.77 -11.01 -1.83
N GLY C 107 -46.84 -11.71 -2.50
CA GLY C 107 -46.31 -11.22 -3.76
C GLY C 107 -45.07 -10.37 -3.63
N ASN C 108 -44.46 -10.33 -2.46
CA ASN C 108 -43.26 -9.54 -2.22
C ASN C 108 -42.02 -10.43 -2.18
N PRO C 109 -40.93 -9.99 -2.83
CA PRO C 109 -39.70 -10.79 -2.83
C PRO C 109 -39.21 -11.12 -1.42
N ASP C 110 -38.71 -12.35 -1.27
CA ASP C 110 -38.19 -12.83 0.01
C ASP C 110 -36.69 -13.03 -0.20
N SER C 111 -35.88 -12.13 0.34
CA SER C 111 -34.43 -12.21 0.18
C SER C 111 -33.82 -13.46 0.80
N LYS C 112 -34.50 -14.02 1.80
CA LYS C 112 -33.99 -15.24 2.42
C LYS C 112 -33.99 -16.37 1.41
N LYS C 113 -35.03 -16.42 0.59
CA LYS C 113 -35.13 -17.47 -0.42
C LYS C 113 -34.08 -17.32 -1.52
N SER C 114 -33.78 -16.09 -1.91
CA SER C 114 -32.82 -15.86 -2.96
C SER C 114 -31.36 -15.74 -2.50
N LEU C 115 -31.15 -15.74 -1.19
CA LEU C 115 -29.79 -15.61 -0.67
C LEU C 115 -29.32 -16.75 0.24
N THR C 116 -30.22 -17.30 1.05
CA THR C 116 -29.80 -18.35 1.97
C THR C 116 -30.44 -19.73 1.83
N SER C 117 -31.46 -19.85 1.00
CA SER C 117 -32.11 -21.15 0.82
C SER C 117 -31.48 -21.89 -0.35
N HIS C 118 -31.87 -23.15 -0.52
CA HIS C 118 -31.33 -23.95 -1.61
C HIS C 118 -31.83 -23.45 -2.97
N LEU C 119 -32.89 -22.64 -2.96
CA LEU C 119 -33.45 -22.09 -4.18
C LEU C 119 -32.59 -20.95 -4.71
N ALA C 120 -31.64 -20.50 -3.90
CA ALA C 120 -30.76 -19.40 -4.26
C ALA C 120 -29.64 -19.76 -5.24
N SER C 121 -29.45 -21.05 -5.48
CA SER C 121 -28.36 -21.49 -6.35
C SER C 121 -28.68 -21.70 -7.82
N GLY C 122 -27.74 -21.28 -8.66
CA GLY C 122 -27.86 -21.48 -10.09
C GLY C 122 -26.94 -22.65 -10.40
N THR C 123 -27.10 -23.27 -11.56
CA THR C 123 -26.24 -24.41 -11.93
C THR C 123 -24.83 -23.87 -12.14
N PRO C 124 -23.85 -24.36 -11.36
CA PRO C 124 -22.45 -23.92 -11.45
C PRO C 124 -21.78 -24.03 -12.82
N GLY C 125 -21.04 -22.99 -13.19
CA GLY C 125 -20.37 -23.00 -14.47
C GLY C 125 -18.85 -22.94 -14.44
N THR C 126 -18.27 -22.71 -13.28
CA THR C 126 -16.81 -22.58 -13.17
C THR C 126 -16.00 -23.73 -13.77
N VAL C 127 -16.28 -24.97 -13.38
CA VAL C 127 -15.52 -26.09 -13.92
C VAL C 127 -15.65 -26.16 -15.44
N ALA C 128 -16.84 -25.90 -15.96
CA ALA C 128 -17.05 -25.94 -17.41
C ALA C 128 -16.27 -24.82 -18.09
N GLY C 129 -16.27 -23.63 -17.48
CA GLY C 129 -15.55 -22.51 -18.05
C GLY C 129 -14.05 -22.72 -18.09
N PHE C 130 -13.50 -23.22 -17.00
CA PHE C 130 -12.06 -23.45 -16.95
C PHE C 130 -11.62 -24.51 -17.96
N SER C 131 -12.42 -25.55 -18.15
CA SER C 131 -12.05 -26.59 -19.10
C SER C 131 -12.20 -26.11 -20.54
N LEU C 132 -13.21 -25.28 -20.81
CA LEU C 132 -13.37 -24.77 -22.17
C LEU C 132 -12.12 -23.97 -22.52
N ALA C 133 -11.71 -23.10 -21.61
CA ALA C 133 -10.53 -22.27 -21.80
C ALA C 133 -9.25 -23.10 -21.90
N LEU C 134 -9.07 -24.01 -20.95
CA LEU C 134 -7.87 -24.83 -20.92
C LEU C 134 -7.69 -25.69 -22.17
N ASP C 135 -8.77 -26.34 -22.60
CA ASP C 135 -8.71 -27.20 -23.78
C ASP C 135 -8.41 -26.44 -25.06
N LYS C 136 -9.00 -25.27 -25.20
CA LYS C 136 -8.83 -24.48 -26.41
C LYS C 136 -7.65 -23.52 -26.47
N TYR C 137 -7.35 -22.89 -25.34
CA TYR C 137 -6.29 -21.90 -25.30
C TYR C 137 -5.10 -22.22 -24.40
N GLY C 138 -5.20 -23.30 -23.63
CA GLY C 138 -4.11 -23.67 -22.75
C GLY C 138 -3.16 -24.65 -23.42
N THR C 139 -2.21 -25.18 -22.65
CA THR C 139 -1.25 -26.14 -23.18
C THR C 139 -1.08 -27.33 -22.24
N MET C 140 -1.48 -27.17 -21.00
CA MET C 140 -1.36 -28.22 -19.99
C MET C 140 -2.64 -29.01 -19.78
N PRO C 141 -2.51 -30.28 -19.37
CA PRO C 141 -3.66 -31.14 -19.11
C PRO C 141 -4.31 -30.71 -17.80
N LEU C 142 -5.61 -30.92 -17.68
CA LEU C 142 -6.33 -30.53 -16.47
C LEU C 142 -5.72 -31.06 -15.17
N ASN C 143 -5.29 -32.32 -15.15
CA ASN C 143 -4.74 -32.86 -13.92
C ASN C 143 -3.55 -32.07 -13.38
N LYS C 144 -2.76 -31.50 -14.28
CA LYS C 144 -1.58 -30.74 -13.87
C LYS C 144 -1.91 -29.37 -13.27
N VAL C 145 -2.95 -28.72 -13.79
CA VAL C 145 -3.30 -27.40 -13.26
C VAL C 145 -4.20 -27.51 -12.03
N VAL C 146 -4.73 -28.70 -11.78
CA VAL C 146 -5.58 -28.94 -10.62
C VAL C 146 -4.75 -29.44 -9.45
N GLN C 147 -3.62 -30.07 -9.75
CA GLN C 147 -2.75 -30.63 -8.70
C GLN C 147 -2.44 -29.71 -7.52
N PRO C 148 -2.00 -28.47 -7.79
CA PRO C 148 -1.70 -27.56 -6.68
C PRO C 148 -2.87 -27.42 -5.71
N ALA C 149 -4.06 -27.21 -6.26
CA ALA C 149 -5.27 -27.07 -5.46
C ALA C 149 -5.56 -28.36 -4.70
N PHE C 150 -5.42 -29.49 -5.39
CA PHE C 150 -5.67 -30.79 -4.78
C PHE C 150 -4.83 -30.96 -3.51
N LYS C 151 -3.54 -30.63 -3.62
CA LYS C 151 -2.63 -30.74 -2.49
C LYS C 151 -3.05 -29.82 -1.33
N LEU C 152 -3.46 -28.60 -1.65
CA LEU C 152 -3.89 -27.66 -0.63
C LEU C 152 -5.15 -28.14 0.09
N ALA C 153 -6.04 -28.80 -0.65
CA ALA C 153 -7.27 -29.30 -0.07
C ALA C 153 -6.98 -30.54 0.78
N ARG C 154 -6.16 -31.44 0.24
CA ARG C 154 -5.82 -32.68 0.92
C ARG C 154 -4.98 -32.48 2.17
N ASP C 155 -3.88 -31.74 2.01
CA ASP C 155 -2.96 -31.51 3.12
C ASP C 155 -3.35 -30.34 4.01
N GLY C 156 -4.19 -29.45 3.50
CA GLY C 156 -4.62 -28.30 4.28
C GLY C 156 -3.62 -27.16 4.22
N PHE C 157 -4.06 -26.00 4.71
CA PHE C 157 -3.22 -24.80 4.73
C PHE C 157 -3.57 -23.98 5.97
N ILE C 158 -2.69 -23.05 6.32
CA ILE C 158 -2.90 -22.21 7.50
C ILE C 158 -3.87 -21.07 7.26
N VAL C 159 -4.85 -20.94 8.16
CA VAL C 159 -5.85 -19.88 8.06
C VAL C 159 -5.19 -18.55 8.36
N ASN C 160 -5.29 -17.59 7.43
CA ASN C 160 -4.68 -16.28 7.61
C ASN C 160 -5.69 -15.27 8.16
N ASP C 161 -5.31 -14.00 8.20
CA ASP C 161 -6.19 -12.96 8.70
C ASP C 161 -7.44 -12.78 7.85
N ALA C 162 -7.26 -12.73 6.54
CA ALA C 162 -8.37 -12.55 5.63
C ALA C 162 -9.46 -13.61 5.82
N LEU C 163 -9.06 -14.88 5.77
CA LEU C 163 -9.99 -15.99 5.93
C LEU C 163 -10.58 -16.06 7.32
N ALA C 164 -9.75 -15.88 8.34
CA ALA C 164 -10.22 -15.93 9.72
C ALA C 164 -11.31 -14.88 9.95
N ASP C 165 -11.05 -13.66 9.47
CA ASP C 165 -12.01 -12.58 9.64
C ASP C 165 -13.30 -12.81 8.86
N ASP C 166 -13.19 -13.31 7.63
CA ASP C 166 -14.39 -13.56 6.85
C ASP C 166 -15.22 -14.69 7.46
N LEU C 167 -14.54 -15.70 8.00
CA LEU C 167 -15.26 -16.82 8.61
C LEU C 167 -16.08 -16.34 9.81
N LYS C 168 -15.47 -15.48 10.62
CA LYS C 168 -16.14 -14.96 11.81
C LYS C 168 -17.24 -13.95 11.49
N THR C 169 -16.96 -13.03 10.56
CA THR C 169 -17.92 -12.00 10.20
C THR C 169 -19.05 -12.44 9.27
N TYR C 170 -18.69 -13.11 8.18
CA TYR C 170 -19.71 -13.55 7.23
C TYR C 170 -20.08 -15.02 7.39
N GLY C 171 -19.07 -15.86 7.62
CA GLY C 171 -19.32 -17.28 7.76
C GLY C 171 -20.26 -17.64 8.90
N SER C 172 -20.18 -16.89 10.00
CA SER C 172 -21.03 -17.16 11.16
C SER C 172 -22.52 -17.06 10.83
N GLU C 173 -22.85 -16.32 9.79
CA GLU C 173 -24.25 -16.14 9.40
C GLU C 173 -24.85 -17.32 8.66
N VAL C 174 -24.01 -18.16 8.06
CA VAL C 174 -24.53 -19.28 7.30
C VAL C 174 -23.88 -20.65 7.44
N LEU C 175 -22.55 -20.69 7.54
CA LEU C 175 -21.84 -21.97 7.61
C LEU C 175 -22.25 -22.92 8.76
N PRO C 176 -22.41 -22.41 9.98
CA PRO C 176 -22.80 -23.33 11.06
C PRO C 176 -24.24 -23.83 10.98
N ASN C 177 -25.02 -23.27 10.06
CA ASN C 177 -26.43 -23.64 9.89
C ASN C 177 -26.65 -24.89 9.04
N HIS C 178 -25.58 -25.44 8.49
CA HIS C 178 -25.66 -26.63 7.65
C HIS C 178 -24.62 -27.63 8.13
N GLU C 179 -25.07 -28.83 8.48
CA GLU C 179 -24.17 -29.86 9.02
C GLU C 179 -22.90 -30.09 8.23
N ASN C 180 -22.99 -30.22 6.91
CA ASN C 180 -21.80 -30.46 6.09
C ASN C 180 -20.83 -29.28 6.09
N SER C 181 -21.37 -28.06 6.00
CA SER C 181 -20.54 -26.87 6.00
C SER C 181 -19.88 -26.70 7.38
N LYS C 182 -20.66 -26.92 8.43
CA LYS C 182 -20.16 -26.79 9.80
C LYS C 182 -19.00 -27.75 10.06
N ALA C 183 -19.11 -28.97 9.56
CA ALA C 183 -18.07 -29.98 9.75
C ALA C 183 -16.73 -29.58 9.17
N ILE C 184 -16.76 -28.73 8.14
CA ILE C 184 -15.54 -28.30 7.47
C ILE C 184 -14.94 -27.00 8.00
N PHE C 185 -15.77 -25.97 8.13
CA PHE C 185 -15.31 -24.66 8.53
C PHE C 185 -15.41 -24.28 10.00
N TRP C 186 -16.14 -25.07 10.78
CA TRP C 186 -16.31 -24.80 12.19
C TRP C 186 -15.56 -25.84 13.03
N LYS C 187 -15.08 -25.41 14.19
CA LYS C 187 -14.36 -26.31 15.08
C LYS C 187 -14.86 -26.09 16.50
N GLU C 188 -15.49 -27.12 17.05
CA GLU C 188 -16.05 -27.08 18.39
C GLU C 188 -16.83 -25.80 18.71
N GLY C 189 -17.88 -25.56 17.92
CA GLY C 189 -18.73 -24.41 18.12
C GLY C 189 -18.22 -23.06 17.65
N GLU C 190 -16.98 -23.00 17.16
CA GLU C 190 -16.43 -21.73 16.71
C GLU C 190 -15.76 -21.86 15.33
N PRO C 191 -15.71 -20.75 14.58
CA PRO C 191 -15.08 -20.80 13.26
C PRO C 191 -13.58 -21.00 13.41
N LEU C 192 -12.94 -21.60 12.42
CA LEU C 192 -11.51 -21.81 12.48
C LEU C 192 -10.88 -20.42 12.67
N LYS C 193 -9.79 -20.35 13.41
CA LYS C 193 -9.13 -19.07 13.67
C LYS C 193 -7.77 -18.99 13.00
N LYS C 194 -7.21 -17.77 12.98
CA LYS C 194 -5.90 -17.57 12.37
C LYS C 194 -4.90 -18.50 13.06
N GLY C 195 -4.10 -19.19 12.26
CA GLY C 195 -3.12 -20.11 12.81
C GLY C 195 -3.57 -21.55 12.67
N ASP C 196 -4.88 -21.76 12.68
CA ASP C 196 -5.44 -23.10 12.54
C ASP C 196 -5.18 -23.63 11.13
N THR C 197 -5.30 -24.94 10.96
CA THR C 197 -5.10 -25.56 9.67
C THR C 197 -6.45 -25.98 9.11
N LEU C 198 -6.75 -25.54 7.89
CA LEU C 198 -8.00 -25.89 7.24
C LEU C 198 -7.76 -27.00 6.22
N VAL C 199 -8.30 -28.17 6.52
CA VAL C 199 -8.18 -29.34 5.67
C VAL C 199 -9.56 -29.56 5.05
N GLN C 200 -9.59 -29.80 3.74
CA GLN C 200 -10.85 -30.03 3.04
C GLN C 200 -10.77 -31.34 2.28
N ALA C 201 -10.90 -32.44 3.03
CA ALA C 201 -10.83 -33.78 2.48
C ALA C 201 -11.86 -34.07 1.40
N ASN C 202 -13.10 -33.67 1.63
CA ASN C 202 -14.14 -33.92 0.64
C ASN C 202 -13.85 -33.16 -0.65
N LEU C 203 -13.44 -31.90 -0.51
CA LEU C 203 -13.12 -31.08 -1.68
C LEU C 203 -11.94 -31.70 -2.41
N ALA C 204 -10.99 -32.24 -1.65
CA ALA C 204 -9.82 -32.88 -2.24
C ALA C 204 -10.26 -34.04 -3.12
N LYS C 205 -11.20 -34.84 -2.62
CA LYS C 205 -11.70 -35.98 -3.38
C LYS C 205 -12.35 -35.49 -4.67
N SER C 206 -13.13 -34.41 -4.56
CA SER C 206 -13.81 -33.85 -5.74
C SER C 206 -12.78 -33.39 -6.76
N LEU C 207 -11.73 -32.70 -6.31
CA LEU C 207 -10.68 -32.23 -7.19
C LEU C 207 -9.93 -33.39 -7.82
N GLU C 208 -9.67 -34.42 -7.01
CA GLU C 208 -8.97 -35.61 -7.47
C GLU C 208 -9.73 -36.28 -8.60
N MET C 209 -11.04 -36.36 -8.46
CA MET C 209 -11.87 -37.00 -9.48
C MET C 209 -12.02 -36.13 -10.73
N ILE C 210 -12.03 -34.82 -10.56
CA ILE C 210 -12.12 -33.93 -11.71
C ILE C 210 -10.84 -34.08 -12.52
N ALA C 211 -9.72 -34.18 -11.82
CA ALA C 211 -8.44 -34.33 -12.51
C ALA C 211 -8.36 -35.65 -13.25
N GLU C 212 -8.94 -36.70 -12.68
CA GLU C 212 -8.91 -38.02 -13.31
C GLU C 212 -9.98 -38.24 -14.38
N ASN C 213 -11.20 -37.80 -14.10
CA ASN C 213 -12.32 -37.99 -15.02
C ASN C 213 -12.63 -36.82 -15.94
N GLY C 214 -12.03 -35.66 -15.65
CA GLY C 214 -12.30 -34.49 -16.47
C GLY C 214 -13.50 -33.73 -15.92
N PRO C 215 -13.93 -32.65 -16.60
CA PRO C 215 -15.08 -31.88 -16.11
C PRO C 215 -16.38 -32.67 -15.99
N ASP C 216 -16.48 -33.80 -16.68
CA ASP C 216 -17.69 -34.62 -16.61
C ASP C 216 -17.93 -35.10 -15.18
N GLU C 217 -16.88 -35.16 -14.37
CA GLU C 217 -17.04 -35.60 -13.00
C GLU C 217 -18.01 -34.65 -12.30
N PHE C 218 -17.85 -33.35 -12.59
CA PHE C 218 -18.69 -32.33 -11.99
C PHE C 218 -20.11 -32.27 -12.56
N TYR C 219 -20.22 -32.38 -13.87
CA TYR C 219 -21.52 -32.27 -14.53
C TYR C 219 -22.30 -33.56 -14.78
N LYS C 220 -21.63 -34.70 -14.67
CA LYS C 220 -22.31 -35.97 -14.92
C LYS C 220 -22.01 -37.06 -13.89
N GLY C 221 -20.89 -36.92 -13.19
CA GLY C 221 -20.49 -37.94 -12.23
C GLY C 221 -20.96 -37.82 -10.81
N THR C 222 -20.16 -38.36 -9.89
CA THR C 222 -20.49 -38.33 -8.47
C THR C 222 -20.78 -36.95 -7.94
N ILE C 223 -19.96 -35.96 -8.32
CA ILE C 223 -20.21 -34.60 -7.85
C ILE C 223 -21.60 -34.13 -8.30
N ALA C 224 -21.94 -34.40 -9.55
CA ALA C 224 -23.23 -33.99 -10.08
C ALA C 224 -24.36 -34.60 -9.25
N GLU C 225 -24.25 -35.87 -8.91
CA GLU C 225 -25.27 -36.54 -8.11
C GLU C 225 -25.32 -35.96 -6.70
N GLN C 226 -24.16 -35.63 -6.13
CA GLN C 226 -24.13 -35.07 -4.78
C GLN C 226 -24.82 -33.72 -4.74
N ILE C 227 -24.72 -32.96 -5.83
CA ILE C 227 -25.38 -31.67 -5.91
C ILE C 227 -26.90 -31.88 -6.07
N ALA C 228 -27.28 -32.77 -6.99
CA ALA C 228 -28.69 -33.04 -7.22
C ALA C 228 -29.37 -33.59 -5.97
N GLN C 229 -28.65 -34.44 -5.24
CA GLN C 229 -29.19 -35.03 -4.02
C GLN C 229 -29.37 -33.96 -2.95
N GLU C 230 -28.35 -33.13 -2.76
CA GLU C 230 -28.40 -32.06 -1.77
C GLU C 230 -29.64 -31.21 -2.03
N MET C 231 -29.88 -30.92 -3.31
CA MET C 231 -31.02 -30.12 -3.72
C MET C 231 -32.36 -30.82 -3.48
N GLN C 232 -32.46 -32.08 -3.92
CA GLN C 232 -33.71 -32.81 -3.75
C GLN C 232 -34.12 -32.92 -2.29
N LYS C 233 -33.15 -33.25 -1.44
CA LYS C 233 -33.40 -33.42 -0.02
C LYS C 233 -33.84 -32.15 0.68
N ASN C 234 -33.46 -30.99 0.14
CA ASN C 234 -33.79 -29.71 0.77
C ASN C 234 -34.67 -28.73 -0.01
N GLY C 235 -35.42 -29.23 -0.98
CA GLY C 235 -36.29 -28.36 -1.73
C GLY C 235 -35.63 -27.48 -2.77
N GLY C 236 -34.38 -27.81 -3.11
CA GLY C 236 -33.67 -27.06 -4.13
C GLY C 236 -34.12 -27.52 -5.51
N LEU C 237 -33.67 -26.84 -6.56
CA LEU C 237 -34.08 -27.18 -7.92
C LEU C 237 -33.07 -27.81 -8.88
N ILE C 238 -31.77 -27.59 -8.64
CA ILE C 238 -30.77 -28.14 -9.54
C ILE C 238 -30.82 -29.66 -9.62
N THR C 239 -30.97 -30.17 -10.85
CA THR C 239 -31.05 -31.61 -11.08
C THR C 239 -29.86 -32.08 -11.92
N LYS C 240 -29.74 -33.38 -12.11
CA LYS C 240 -28.67 -33.91 -12.94
C LYS C 240 -28.88 -33.44 -14.36
N GLU C 241 -30.14 -33.30 -14.75
CA GLU C 241 -30.49 -32.84 -16.08
C GLU C 241 -29.96 -31.41 -16.28
N ASP C 242 -30.05 -30.59 -15.23
CA ASP C 242 -29.56 -29.22 -15.30
C ASP C 242 -28.05 -29.22 -15.50
N LEU C 243 -27.36 -30.04 -14.72
CA LEU C 243 -25.91 -30.13 -14.80
C LEU C 243 -25.43 -30.65 -16.15
N ALA C 244 -26.12 -31.64 -16.70
CA ALA C 244 -25.73 -32.19 -17.99
C ALA C 244 -25.99 -31.20 -19.12
N ALA C 245 -26.95 -30.31 -18.92
CA ALA C 245 -27.30 -29.33 -19.93
C ALA C 245 -26.47 -28.06 -19.85
N TYR C 246 -25.76 -27.87 -18.74
CA TYR C 246 -24.96 -26.67 -18.60
C TYR C 246 -23.86 -26.58 -19.65
N LYS C 247 -23.55 -25.35 -20.04
CA LYS C 247 -22.46 -25.15 -20.99
C LYS C 247 -21.87 -23.76 -20.85
N ALA C 248 -20.55 -23.70 -20.94
CA ALA C 248 -19.85 -22.43 -20.89
C ALA C 248 -20.00 -21.95 -22.33
N VAL C 249 -20.11 -20.63 -22.51
CA VAL C 249 -20.30 -20.07 -23.84
C VAL C 249 -19.26 -19.03 -24.21
N GLU C 250 -18.57 -19.24 -25.32
CA GLU C 250 -17.58 -18.28 -25.76
C GLU C 250 -18.37 -17.19 -26.48
N ARG C 251 -18.12 -15.93 -26.10
CA ARG C 251 -18.83 -14.81 -26.70
C ARG C 251 -17.88 -13.71 -27.15
N THR C 252 -18.37 -12.83 -28.01
CA THR C 252 -17.56 -11.73 -28.51
C THR C 252 -17.48 -10.62 -27.48
N PRO C 253 -16.25 -10.24 -27.09
CA PRO C 253 -16.06 -9.17 -26.10
C PRO C 253 -16.65 -7.84 -26.51
N ILE C 254 -17.03 -7.03 -25.54
CA ILE C 254 -17.52 -5.69 -25.84
C ILE C 254 -16.22 -4.93 -26.00
N SER C 255 -16.15 -4.07 -27.02
CA SER C 255 -14.94 -3.29 -27.24
C SER C 255 -15.32 -1.87 -27.56
N GLY C 256 -14.60 -0.94 -26.95
CA GLY C 256 -14.87 0.46 -27.19
C GLY C 256 -13.57 1.23 -27.33
N ASP C 257 -13.62 2.37 -28.00
CA ASP C 257 -12.44 3.19 -28.18
C ASP C 257 -12.56 4.40 -27.27
N TYR C 258 -11.53 4.66 -26.48
CA TYR C 258 -11.51 5.79 -25.58
C TYR C 258 -10.20 6.52 -25.71
N ARG C 259 -10.24 7.68 -26.39
CA ARG C 259 -9.06 8.51 -26.60
C ARG C 259 -7.89 7.73 -27.21
N GLY C 260 -8.19 6.86 -28.17
CA GLY C 260 -7.13 6.09 -28.82
C GLY C 260 -6.83 4.73 -28.23
N TYR C 261 -7.38 4.46 -27.05
CA TYR C 261 -7.19 3.17 -26.39
C TYR C 261 -8.39 2.28 -26.66
N GLN C 262 -8.16 0.99 -26.81
CA GLN C 262 -9.26 0.06 -27.04
C GLN C 262 -9.54 -0.66 -25.73
N VAL C 263 -10.79 -0.58 -25.28
CA VAL C 263 -11.20 -1.20 -24.03
C VAL C 263 -12.06 -2.43 -24.29
N TYR C 264 -11.58 -3.58 -23.84
CA TYR C 264 -12.28 -4.85 -24.02
C TYR C 264 -12.82 -5.33 -22.68
N SER C 265 -14.09 -5.74 -22.66
CA SER C 265 -14.67 -6.26 -21.43
C SER C 265 -15.76 -7.29 -21.72
N MET C 266 -16.40 -7.78 -20.66
CA MET C 266 -17.41 -8.80 -20.77
C MET C 266 -18.78 -8.35 -21.30
N PRO C 267 -19.31 -9.05 -22.31
CA PRO C 267 -20.62 -8.72 -22.89
C PRO C 267 -21.70 -9.45 -22.10
N PRO C 268 -22.98 -9.26 -22.46
CA PRO C 268 -24.06 -9.94 -21.75
C PRO C 268 -23.75 -11.45 -21.77
N PRO C 269 -24.17 -12.20 -20.74
CA PRO C 269 -24.94 -11.88 -19.53
C PRO C 269 -24.35 -10.90 -18.52
N SER C 270 -23.21 -10.29 -18.84
CA SER C 270 -22.67 -9.28 -17.93
C SER C 270 -23.08 -7.92 -18.47
N SER C 271 -23.25 -6.96 -17.56
CA SER C 271 -23.62 -5.60 -17.95
C SER C 271 -22.36 -4.74 -17.87
N GLY C 272 -21.30 -5.33 -17.33
CA GLY C 272 -20.04 -4.61 -17.15
C GLY C 272 -19.44 -3.96 -18.37
N GLY C 273 -19.13 -4.76 -19.39
CA GLY C 273 -18.54 -4.21 -20.61
C GLY C 273 -19.35 -3.10 -21.23
N ILE C 274 -20.64 -3.32 -21.42
CA ILE C 274 -21.50 -2.32 -22.03
C ILE C 274 -21.50 -0.99 -21.29
N HIS C 275 -21.69 -1.01 -19.98
CA HIS C 275 -21.73 0.24 -19.23
C HIS C 275 -20.37 0.90 -19.02
N ILE C 276 -19.29 0.12 -18.99
CA ILE C 276 -17.98 0.74 -18.85
C ILE C 276 -17.70 1.49 -20.15
N VAL C 277 -17.99 0.85 -21.27
CA VAL C 277 -17.79 1.47 -22.57
C VAL C 277 -18.73 2.66 -22.76
N GLN C 278 -19.98 2.49 -22.34
CA GLN C 278 -20.97 3.56 -22.46
C GLN C 278 -20.53 4.79 -21.66
N ILE C 279 -20.15 4.58 -20.40
CA ILE C 279 -19.73 5.69 -19.55
C ILE C 279 -18.47 6.34 -20.10
N LEU C 280 -17.53 5.53 -20.57
CA LEU C 280 -16.31 6.08 -21.15
C LEU C 280 -16.68 6.93 -22.37
N ASN C 281 -17.63 6.45 -23.18
CA ASN C 281 -18.04 7.20 -24.36
C ASN C 281 -18.57 8.56 -23.93
N ILE C 282 -19.31 8.58 -22.82
CA ILE C 282 -19.87 9.82 -22.31
C ILE C 282 -18.73 10.74 -21.85
N LEU C 283 -17.82 10.17 -21.05
CA LEU C 283 -16.69 10.93 -20.52
C LEU C 283 -15.76 11.49 -21.58
N GLU C 284 -15.67 10.81 -22.71
CA GLU C 284 -14.79 11.24 -23.79
C GLU C 284 -15.12 12.67 -24.25
N ASN C 285 -16.36 13.09 -24.03
CA ASN C 285 -16.80 14.43 -24.42
C ASN C 285 -16.33 15.52 -23.46
N PHE C 286 -15.64 15.11 -22.40
CA PHE C 286 -15.12 16.06 -21.41
C PHE C 286 -13.61 15.93 -21.29
N ASP C 287 -12.94 17.02 -20.92
CA ASP C 287 -11.50 17.01 -20.76
C ASP C 287 -11.18 16.54 -19.34
N MET C 288 -11.40 15.26 -19.08
CA MET C 288 -11.14 14.69 -17.76
C MET C 288 -9.74 14.98 -17.24
N LYS C 289 -8.76 14.92 -18.13
CA LYS C 289 -7.38 15.18 -17.74
C LYS C 289 -7.23 16.57 -17.09
N LYS C 290 -7.88 17.57 -17.66
CA LYS C 290 -7.80 18.92 -17.11
C LYS C 290 -8.41 19.01 -15.72
N TYR C 291 -9.57 18.40 -15.53
CA TYR C 291 -10.23 18.42 -14.23
C TYR C 291 -9.33 17.78 -13.18
N GLY C 292 -8.80 16.60 -13.53
CA GLY C 292 -7.90 15.91 -12.63
C GLY C 292 -8.55 15.04 -11.57
N PHE C 293 -7.81 14.04 -11.10
CA PHE C 293 -8.32 13.14 -10.08
C PHE C 293 -8.72 13.88 -8.82
N GLY C 294 -9.79 13.41 -8.18
CA GLY C 294 -10.25 14.01 -6.95
C GLY C 294 -10.81 15.41 -7.02
N SER C 295 -11.08 15.91 -8.22
CA SER C 295 -11.65 17.24 -8.36
C SER C 295 -13.17 17.10 -8.33
N ALA C 296 -13.85 18.14 -7.88
CA ALA C 296 -15.31 18.10 -7.82
C ALA C 296 -15.88 17.97 -9.23
N ASP C 297 -15.25 18.64 -10.19
CA ASP C 297 -15.73 18.59 -11.56
C ASP C 297 -15.67 17.18 -12.14
N ALA C 298 -14.52 16.52 -12.00
CA ALA C 298 -14.35 15.17 -12.51
C ALA C 298 -15.36 14.21 -11.87
N MET C 299 -15.50 14.32 -10.56
CA MET C 299 -16.42 13.45 -9.83
C MET C 299 -17.87 13.73 -10.23
N GLN C 300 -18.19 15.01 -10.42
CA GLN C 300 -19.54 15.41 -10.82
C GLN C 300 -19.91 14.79 -12.16
N ILE C 301 -19.03 14.94 -13.14
CA ILE C 301 -19.27 14.41 -14.48
C ILE C 301 -19.45 12.90 -14.48
N MET C 302 -18.57 12.20 -13.77
CA MET C 302 -18.65 10.74 -13.70
C MET C 302 -19.88 10.26 -12.95
N ALA C 303 -20.21 10.91 -11.84
CA ALA C 303 -21.39 10.52 -11.07
C ALA C 303 -22.63 10.66 -11.93
N GLU C 304 -22.73 11.77 -12.67
CA GLU C 304 -23.89 12.00 -13.52
C GLU C 304 -23.95 10.98 -14.65
N ALA C 305 -22.81 10.70 -15.28
CA ALA C 305 -22.75 9.74 -16.38
C ALA C 305 -23.18 8.38 -15.89
N GLU C 306 -22.71 8.00 -14.70
CA GLU C 306 -23.06 6.71 -14.13
C GLU C 306 -24.56 6.54 -13.92
N LYS C 307 -25.24 7.62 -13.55
CA LYS C 307 -26.69 7.53 -13.34
C LYS C 307 -27.42 7.02 -14.58
N TYR C 308 -27.11 7.60 -15.74
CA TYR C 308 -27.76 7.20 -16.98
C TYR C 308 -27.46 5.74 -17.34
N ALA C 309 -26.22 5.32 -17.09
CA ALA C 309 -25.82 3.96 -17.38
C ALA C 309 -26.59 2.94 -16.57
N TYR C 310 -26.70 3.19 -15.26
CA TYR C 310 -27.42 2.27 -14.38
C TYR C 310 -28.92 2.30 -14.65
N ALA C 311 -29.43 3.43 -15.14
CA ALA C 311 -30.84 3.53 -15.46
C ALA C 311 -31.07 2.61 -16.67
N ASP C 312 -30.17 2.69 -17.65
CA ASP C 312 -30.27 1.85 -18.84
C ASP C 312 -30.11 0.38 -18.46
N ARG C 313 -29.24 0.11 -17.51
CA ARG C 313 -28.98 -1.25 -17.05
C ARG C 313 -30.26 -1.94 -16.56
N SER C 314 -31.07 -1.20 -15.81
CA SER C 314 -32.30 -1.75 -15.25
C SER C 314 -33.35 -2.13 -16.28
N GLU C 315 -33.22 -1.58 -17.49
CA GLU C 315 -34.20 -1.84 -18.53
C GLU C 315 -33.77 -2.72 -19.71
N TYR C 316 -32.54 -2.53 -20.17
CA TYR C 316 -32.06 -3.24 -21.35
C TYR C 316 -31.13 -4.43 -21.18
N LEU C 317 -30.61 -4.65 -19.98
CA LEU C 317 -29.66 -5.74 -19.75
C LEU C 317 -30.21 -7.06 -19.22
N GLY C 318 -29.78 -8.15 -19.84
CA GLY C 318 -30.19 -9.48 -19.45
C GLY C 318 -29.47 -10.54 -20.25
N ASP C 319 -29.81 -11.81 -20.05
CA ASP C 319 -29.18 -12.91 -20.78
C ASP C 319 -29.50 -12.69 -22.26
N PRO C 320 -28.47 -12.49 -23.10
CA PRO C 320 -28.67 -12.26 -24.54
C PRO C 320 -29.31 -13.41 -25.29
N ASP C 321 -29.29 -14.60 -24.70
CA ASP C 321 -29.86 -15.77 -25.35
C ASP C 321 -31.38 -15.79 -25.19
N PHE C 322 -31.89 -14.92 -24.32
CA PHE C 322 -33.33 -14.87 -24.06
C PHE C 322 -33.96 -13.55 -24.48
N VAL C 323 -33.21 -12.47 -24.35
CA VAL C 323 -33.71 -11.15 -24.71
C VAL C 323 -32.70 -10.46 -25.60
N LYS C 324 -33.19 -9.69 -26.55
CA LYS C 324 -32.31 -8.95 -27.45
C LYS C 324 -31.77 -7.74 -26.70
N VAL C 325 -30.46 -7.74 -26.45
CA VAL C 325 -29.83 -6.62 -25.76
C VAL C 325 -29.37 -5.62 -26.81
N PRO C 326 -29.84 -4.35 -26.70
CA PRO C 326 -29.46 -3.32 -27.65
C PRO C 326 -28.05 -2.82 -27.36
N TRP C 327 -27.07 -3.72 -27.40
CA TRP C 327 -25.69 -3.36 -27.09
C TRP C 327 -25.07 -2.34 -28.02
N GLN C 328 -25.41 -2.39 -29.31
CA GLN C 328 -24.84 -1.44 -30.25
C GLN C 328 -25.30 -0.02 -29.93
N ALA C 329 -26.59 0.14 -29.68
CA ALA C 329 -27.14 1.44 -29.35
C ALA C 329 -26.56 1.97 -28.04
N LEU C 330 -26.50 1.11 -27.03
CA LEU C 330 -25.98 1.50 -25.73
C LEU C 330 -24.51 1.93 -25.78
N THR C 331 -23.75 1.35 -26.70
CA THR C 331 -22.33 1.70 -26.82
C THR C 331 -22.08 2.65 -27.99
N ASN C 332 -23.15 3.20 -28.53
CA ASN C 332 -23.07 4.15 -29.64
C ASN C 332 -22.59 5.50 -29.12
N LYS C 333 -21.58 6.07 -29.75
CA LYS C 333 -21.02 7.35 -29.31
C LYS C 333 -21.98 8.52 -29.48
N ALA C 334 -22.87 8.45 -30.46
CA ALA C 334 -23.85 9.53 -30.67
C ALA C 334 -24.80 9.52 -29.48
N TYR C 335 -25.18 8.32 -29.03
CA TYR C 335 -26.07 8.19 -27.89
C TYR C 335 -25.37 8.76 -26.65
N ALA C 336 -24.08 8.44 -26.51
CA ALA C 336 -23.31 8.92 -25.37
C ALA C 336 -23.24 10.44 -25.40
N LYS C 337 -23.10 10.99 -26.60
CA LYS C 337 -23.03 12.44 -26.76
C LYS C 337 -24.34 13.08 -26.30
N SER C 338 -25.46 12.44 -26.62
CA SER C 338 -26.76 12.98 -26.24
C SER C 338 -26.90 13.01 -24.71
N ILE C 339 -26.21 12.09 -24.05
CA ILE C 339 -26.24 12.04 -22.59
C ILE C 339 -25.31 13.10 -22.04
N ALA C 340 -24.11 13.18 -22.59
CA ALA C 340 -23.11 14.15 -22.17
C ALA C 340 -23.68 15.57 -22.22
N ASP C 341 -24.48 15.84 -23.24
CA ASP C 341 -25.09 17.15 -23.42
C ASP C 341 -26.11 17.50 -22.34
N GLN C 342 -26.59 16.48 -21.62
CA GLN C 342 -27.58 16.71 -20.56
C GLN C 342 -26.92 16.94 -19.21
N ILE C 343 -25.62 16.64 -19.11
CA ILE C 343 -24.89 16.80 -17.85
C ILE C 343 -24.52 18.25 -17.54
N ASP C 344 -24.95 18.72 -16.37
CA ASP C 344 -24.66 20.07 -15.91
C ASP C 344 -23.58 19.95 -14.85
N ILE C 345 -22.37 20.40 -15.17
CA ILE C 345 -21.24 20.31 -14.24
C ILE C 345 -21.49 21.05 -12.92
N ASN C 346 -22.48 21.93 -12.90
CA ASN C 346 -22.76 22.69 -11.69
C ASN C 346 -24.04 22.28 -10.97
N LYS C 347 -24.77 21.32 -11.52
CA LYS C 347 -26.01 20.87 -10.89
C LYS C 347 -26.34 19.42 -11.23
N ALA C 348 -26.41 18.60 -10.18
CA ALA C 348 -26.73 17.20 -10.33
C ALA C 348 -28.21 17.03 -10.65
N LYS C 349 -28.52 16.05 -11.50
CA LYS C 349 -29.90 15.78 -11.87
C LYS C 349 -30.42 14.62 -11.03
N PRO C 350 -31.46 14.87 -10.22
CA PRO C 350 -32.04 13.82 -9.36
C PRO C 350 -32.34 12.56 -10.17
N SER C 351 -32.05 11.40 -9.58
CA SER C 351 -32.31 10.14 -10.26
C SER C 351 -33.79 10.00 -10.61
N SER C 352 -34.63 10.67 -9.84
CA SER C 352 -36.08 10.62 -10.07
C SER C 352 -36.44 11.26 -11.40
N GLU C 353 -35.51 12.01 -11.98
CA GLU C 353 -35.73 12.67 -13.25
C GLU C 353 -34.99 11.96 -14.38
N ILE C 354 -34.41 10.81 -14.05
CA ILE C 354 -33.66 10.03 -15.02
C ILE C 354 -34.31 8.67 -15.25
N ARG C 355 -34.56 8.36 -16.52
CA ARG C 355 -35.17 7.10 -16.91
C ARG C 355 -34.34 6.46 -18.01
N PRO C 356 -34.60 5.18 -18.32
CA PRO C 356 -33.82 4.53 -19.39
C PRO C 356 -33.92 5.39 -20.64
N GLY C 357 -32.82 5.52 -21.37
CA GLY C 357 -32.83 6.33 -22.57
C GLY C 357 -33.62 5.74 -23.72
N LYS C 358 -34.00 6.59 -24.68
CA LYS C 358 -34.73 6.15 -25.86
C LYS C 358 -33.67 5.82 -26.90
N LEU C 359 -33.52 4.54 -27.19
CA LEU C 359 -32.51 4.07 -28.12
C LEU C 359 -32.87 4.03 -29.61
N ALA C 360 -34.16 4.20 -29.93
CA ALA C 360 -34.61 4.17 -31.31
C ALA C 360 -33.72 4.95 -32.29
N PRO C 361 -33.42 6.22 -31.97
CA PRO C 361 -32.59 7.05 -32.85
C PRO C 361 -31.18 6.50 -33.10
N TYR C 362 -30.78 5.51 -32.32
CA TYR C 362 -29.44 4.93 -32.45
C TYR C 362 -29.47 3.45 -32.79
N GLU C 363 -30.64 2.97 -33.19
CA GLU C 363 -30.80 1.56 -33.56
C GLU C 363 -30.31 1.35 -34.99
N THR D 1 -17.33 -12.54 -4.87
CA THR D 1 -16.50 -12.35 -6.07
C THR D 1 -15.03 -12.11 -5.74
N THR D 2 -14.18 -12.56 -6.64
CA THR D 2 -12.74 -12.30 -6.53
C THR D 2 -12.25 -12.20 -7.96
N HIS D 3 -11.28 -11.33 -8.18
CA HIS D 3 -10.73 -11.15 -9.52
C HIS D 3 -9.22 -11.36 -9.52
N TYR D 4 -8.71 -11.96 -10.58
CA TYR D 4 -7.26 -12.15 -10.69
C TYR D 4 -6.82 -11.94 -12.14
N SER D 5 -5.57 -11.51 -12.32
CA SER D 5 -5.03 -11.23 -13.64
C SER D 5 -3.72 -11.96 -13.87
N VAL D 6 -3.47 -12.33 -15.12
CA VAL D 6 -2.25 -13.06 -15.48
C VAL D 6 -1.69 -12.62 -16.84
N VAL D 7 -0.38 -12.47 -16.90
CA VAL D 7 0.30 -12.13 -18.15
C VAL D 7 1.55 -13.01 -18.18
N ASP D 8 1.72 -13.78 -19.26
CA ASP D 8 2.88 -14.66 -19.36
C ASP D 8 4.03 -14.07 -20.16
N LYS D 9 5.13 -14.82 -20.25
CA LYS D 9 6.33 -14.39 -20.96
C LYS D 9 6.14 -14.09 -22.44
N ASP D 10 5.12 -14.70 -23.04
CA ASP D 10 4.85 -14.48 -24.46
C ASP D 10 3.94 -13.28 -24.69
N GLY D 11 3.44 -12.71 -23.61
CA GLY D 11 2.55 -11.56 -23.74
C GLY D 11 1.07 -11.90 -23.73
N ASN D 12 0.75 -13.17 -23.51
CA ASN D 12 -0.65 -13.58 -23.46
C ASN D 12 -1.22 -13.02 -22.15
N ALA D 13 -2.50 -12.63 -22.18
CA ALA D 13 -3.12 -12.07 -20.98
C ALA D 13 -4.47 -12.70 -20.68
N VAL D 14 -4.77 -12.85 -19.40
CA VAL D 14 -6.04 -13.41 -18.95
C VAL D 14 -6.55 -12.64 -17.74
N ALA D 15 -7.85 -12.34 -17.76
CA ALA D 15 -8.50 -11.63 -16.66
C ALA D 15 -9.69 -12.48 -16.25
N VAL D 16 -9.74 -12.89 -14.99
CA VAL D 16 -10.83 -13.73 -14.52
C VAL D 16 -11.54 -13.17 -13.31
N THR D 17 -12.86 -13.05 -13.40
CA THR D 17 -13.64 -12.60 -12.26
C THR D 17 -14.67 -13.71 -12.05
N TYR D 18 -14.65 -14.37 -10.89
CA TYR D 18 -15.65 -15.40 -10.63
C TYR D 18 -16.17 -15.29 -9.21
N THR D 19 -17.28 -15.95 -8.92
CA THR D 19 -17.91 -15.74 -7.62
C THR D 19 -18.97 -16.75 -7.21
N LEU D 20 -19.37 -16.66 -5.94
CA LEU D 20 -20.44 -17.48 -5.36
C LEU D 20 -21.58 -16.50 -5.09
N ASN D 21 -21.28 -15.24 -5.40
CA ASN D 21 -22.12 -14.05 -5.20
C ASN D 21 -21.73 -13.48 -3.85
N THR D 22 -22.54 -13.66 -2.81
CA THR D 22 -22.14 -13.10 -1.51
C THR D 22 -21.03 -13.96 -0.91
N THR D 23 -20.44 -13.48 0.18
CA THR D 23 -19.35 -14.19 0.84
C THR D 23 -19.79 -15.58 1.29
N PHE D 24 -19.14 -16.61 0.73
CA PHE D 24 -19.43 -18.02 1.00
C PHE D 24 -20.74 -18.45 0.34
N GLY D 25 -21.29 -17.57 -0.49
CA GLY D 25 -22.55 -17.90 -1.15
C GLY D 25 -23.63 -18.19 -0.14
N THR D 26 -24.38 -19.26 -0.37
CA THR D 26 -25.44 -19.68 0.55
C THR D 26 -24.84 -20.24 1.83
N GLY D 27 -23.59 -20.63 1.77
CA GLY D 27 -22.94 -21.22 2.93
C GLY D 27 -23.29 -22.70 3.01
N ILE D 28 -23.93 -23.21 1.97
CA ILE D 28 -24.33 -24.62 1.92
C ILE D 28 -23.35 -25.45 1.10
N VAL D 29 -22.79 -26.48 1.71
CA VAL D 29 -21.89 -27.37 0.99
C VAL D 29 -22.76 -28.44 0.35
N ALA D 30 -22.44 -28.83 -0.89
CA ALA D 30 -23.23 -29.83 -1.59
C ALA D 30 -22.88 -31.24 -1.14
N GLY D 31 -23.66 -31.75 -0.20
CA GLY D 31 -23.43 -33.09 0.30
C GLY D 31 -22.00 -33.34 0.75
N GLU D 32 -21.43 -34.46 0.29
CA GLU D 32 -20.08 -34.81 0.65
C GLU D 32 -19.03 -34.38 -0.37
N SER D 33 -19.39 -33.41 -1.21
CA SER D 33 -18.47 -32.92 -2.24
C SER D 33 -17.50 -31.87 -1.71
N GLY D 34 -17.88 -31.22 -0.61
CA GLY D 34 -17.04 -30.19 -0.03
C GLY D 34 -17.08 -28.89 -0.80
N ILE D 35 -18.05 -28.77 -1.72
CA ILE D 35 -18.19 -27.59 -2.56
C ILE D 35 -19.32 -26.66 -2.11
N LEU D 36 -18.98 -25.42 -1.79
CA LEU D 36 -19.97 -24.43 -1.37
C LEU D 36 -20.83 -24.01 -2.55
N LEU D 37 -22.13 -23.86 -2.31
CA LEU D 37 -23.07 -23.48 -3.36
C LEU D 37 -23.38 -21.98 -3.41
N ASN D 38 -23.34 -21.44 -4.63
CA ASN D 38 -23.60 -20.04 -4.90
C ASN D 38 -25.03 -19.60 -4.57
N ASN D 39 -25.23 -18.29 -4.45
CA ASN D 39 -26.57 -17.73 -4.27
C ASN D 39 -26.73 -16.68 -5.37
N GLN D 40 -26.31 -17.06 -6.57
CA GLN D 40 -26.36 -16.18 -7.75
C GLN D 40 -27.77 -15.81 -8.20
N MET D 41 -28.77 -16.59 -7.80
CA MET D 41 -30.13 -16.31 -8.21
C MET D 41 -30.64 -14.94 -7.74
N ASP D 42 -30.01 -14.35 -6.74
CA ASP D 42 -30.44 -13.04 -6.27
C ASP D 42 -30.07 -11.94 -7.27
N ASP D 43 -29.27 -12.29 -8.29
CA ASP D 43 -28.88 -11.33 -9.30
C ASP D 43 -29.99 -11.09 -10.32
N PHE D 44 -31.00 -11.95 -10.31
CA PHE D 44 -32.15 -11.78 -11.19
C PHE D 44 -33.00 -10.72 -10.50
N SER D 45 -33.97 -10.19 -11.24
CA SER D 45 -34.91 -9.23 -10.66
C SER D 45 -36.03 -10.17 -10.19
N ALA D 46 -36.26 -10.21 -8.88
CA ALA D 46 -37.28 -11.09 -8.31
C ALA D 46 -38.68 -10.55 -8.58
N LYS D 47 -38.77 -9.24 -8.74
CA LYS D 47 -40.03 -8.55 -9.02
C LYS D 47 -39.65 -7.18 -9.59
N PRO D 48 -40.31 -6.77 -10.67
CA PRO D 48 -40.01 -5.48 -11.29
C PRO D 48 -40.01 -4.30 -10.33
N GLY D 49 -38.92 -3.54 -10.32
CA GLY D 49 -38.83 -2.37 -9.47
C GLY D 49 -38.35 -2.56 -8.04
N VAL D 50 -38.18 -3.81 -7.61
CA VAL D 50 -37.71 -4.10 -6.26
C VAL D 50 -36.21 -4.40 -6.30
N PRO D 51 -35.41 -3.67 -5.52
CA PRO D 51 -33.95 -3.89 -5.50
C PRO D 51 -33.50 -5.20 -4.87
N ASN D 52 -32.34 -5.69 -5.33
CA ASN D 52 -31.77 -6.91 -4.78
C ASN D 52 -30.76 -6.52 -3.70
N VAL D 53 -29.91 -7.46 -3.29
CA VAL D 53 -28.96 -7.16 -2.23
C VAL D 53 -27.99 -6.01 -2.50
N TYR D 54 -27.76 -5.68 -3.78
CA TYR D 54 -26.84 -4.59 -4.13
C TYR D 54 -27.59 -3.32 -4.52
N GLY D 55 -28.91 -3.34 -4.34
CA GLY D 55 -29.70 -2.17 -4.67
C GLY D 55 -30.01 -2.04 -6.15
N LEU D 56 -29.72 -3.08 -6.92
CA LEU D 56 -29.99 -3.06 -8.35
C LEU D 56 -31.43 -3.47 -8.64
N VAL D 57 -32.01 -2.91 -9.69
CA VAL D 57 -33.38 -3.21 -10.06
C VAL D 57 -33.49 -3.68 -11.49
N GLY D 58 -34.63 -4.27 -11.83
CA GLY D 58 -34.83 -4.74 -13.18
C GLY D 58 -36.29 -4.91 -13.55
N GLY D 59 -36.51 -5.57 -14.68
CA GLY D 59 -37.85 -5.81 -15.17
C GLY D 59 -37.91 -7.12 -15.94
N ASP D 60 -38.42 -7.07 -17.17
CA ASP D 60 -38.55 -8.27 -18.00
C ASP D 60 -37.22 -8.85 -18.45
N ALA D 61 -36.30 -8.00 -18.89
CA ALA D 61 -35.01 -8.46 -19.39
C ALA D 61 -34.25 -9.37 -18.43
N ASN D 62 -34.19 -8.97 -17.16
CA ASN D 62 -33.47 -9.76 -16.16
C ASN D 62 -34.38 -10.52 -15.19
N ALA D 63 -35.59 -10.84 -15.64
CA ALA D 63 -36.51 -11.59 -14.78
C ALA D 63 -36.03 -13.03 -14.68
N VAL D 64 -36.37 -13.70 -13.59
CA VAL D 64 -36.00 -15.10 -13.41
C VAL D 64 -36.70 -15.91 -14.49
N GLY D 65 -35.98 -16.89 -15.04
CA GLY D 65 -36.57 -17.75 -16.06
C GLY D 65 -35.77 -19.04 -16.12
N PRO D 66 -36.38 -20.16 -16.54
CA PRO D 66 -35.64 -21.41 -16.61
C PRO D 66 -34.45 -21.36 -17.56
N ASN D 67 -33.32 -21.89 -17.10
CA ASN D 67 -32.07 -21.94 -17.87
C ASN D 67 -31.43 -20.60 -18.18
N LYS D 68 -31.99 -19.52 -17.63
CA LYS D 68 -31.47 -18.18 -17.88
C LYS D 68 -30.28 -17.85 -17.01
N ARG D 69 -29.33 -17.08 -17.56
CA ARG D 69 -28.14 -16.66 -16.82
C ARG D 69 -28.48 -15.31 -16.20
N PRO D 70 -28.44 -15.21 -14.85
CA PRO D 70 -28.77 -13.93 -14.22
C PRO D 70 -27.77 -12.85 -14.59
N LEU D 71 -28.26 -11.64 -14.78
CA LEU D 71 -27.40 -10.51 -15.15
C LEU D 71 -26.32 -10.27 -14.10
N SER D 72 -25.10 -10.01 -14.57
CA SER D 72 -23.96 -9.77 -13.70
C SER D 72 -23.36 -8.38 -13.93
N SER D 73 -22.54 -7.94 -12.98
CA SER D 73 -21.85 -6.65 -13.08
C SER D 73 -20.35 -6.92 -13.22
N MET D 74 -19.97 -8.19 -13.17
CA MET D 74 -18.55 -8.56 -13.26
C MET D 74 -17.91 -8.05 -14.53
N SER D 75 -16.76 -7.41 -14.36
CA SER D 75 -16.07 -6.78 -15.47
C SER D 75 -14.59 -7.05 -15.71
N PRO D 76 -14.21 -8.30 -15.99
CA PRO D 76 -12.79 -8.56 -16.25
C PRO D 76 -12.47 -7.72 -17.49
N THR D 77 -11.43 -6.90 -17.40
CA THR D 77 -11.13 -5.97 -18.49
C THR D 77 -9.68 -5.91 -18.96
N ILE D 78 -9.50 -5.72 -20.25
CA ILE D 78 -8.17 -5.60 -20.84
C ILE D 78 -8.17 -4.38 -21.76
N VAL D 79 -7.26 -3.45 -21.48
CA VAL D 79 -7.15 -2.24 -22.29
C VAL D 79 -5.96 -2.41 -23.21
N VAL D 80 -6.16 -2.07 -24.49
CA VAL D 80 -5.12 -2.20 -25.49
C VAL D 80 -4.62 -0.84 -25.96
N LYS D 81 -3.31 -0.68 -26.00
CA LYS D 81 -2.66 0.56 -26.42
C LYS D 81 -1.76 0.24 -27.60
N ASP D 82 -2.01 0.90 -28.73
CA ASP D 82 -1.21 0.71 -29.94
C ASP D 82 -1.19 -0.76 -30.36
N GLY D 83 -2.33 -1.43 -30.27
CA GLY D 83 -2.42 -2.83 -30.65
C GLY D 83 -1.84 -3.83 -29.67
N LYS D 84 -1.26 -3.34 -28.58
CA LYS D 84 -0.67 -4.25 -27.59
C LYS D 84 -1.38 -4.19 -26.24
N THR D 85 -1.51 -5.35 -25.61
CA THR D 85 -2.14 -5.41 -24.29
C THR D 85 -1.41 -4.43 -23.39
N TRP D 86 -2.18 -3.59 -22.69
CA TRP D 86 -1.59 -2.58 -21.84
C TRP D 86 -2.02 -2.68 -20.37
N LEU D 87 -3.31 -2.85 -20.13
CA LEU D 87 -3.80 -2.95 -18.77
C LEU D 87 -4.75 -4.13 -18.62
N VAL D 88 -4.54 -4.93 -17.58
CA VAL D 88 -5.39 -6.08 -17.29
C VAL D 88 -5.93 -5.83 -15.90
N THR D 89 -7.24 -5.76 -15.75
CA THR D 89 -7.79 -5.48 -14.43
C THR D 89 -9.19 -6.05 -14.23
N GLY D 90 -9.73 -5.83 -13.04
CA GLY D 90 -11.06 -6.33 -12.69
C GLY D 90 -11.20 -6.20 -11.19
N SER D 91 -12.37 -6.51 -10.64
CA SER D 91 -12.56 -6.38 -9.20
C SER D 91 -13.91 -6.89 -8.74
N PRO D 92 -14.02 -7.20 -7.43
CA PRO D 92 -15.29 -7.68 -6.86
C PRO D 92 -16.03 -6.40 -6.47
N GLY D 93 -17.22 -6.54 -5.91
CA GLY D 93 -17.95 -5.35 -5.48
C GLY D 93 -19.41 -5.29 -5.87
N GLY D 94 -19.96 -6.39 -6.36
CA GLY D 94 -21.36 -6.40 -6.75
C GLY D 94 -21.64 -5.29 -7.75
N SER D 95 -22.61 -4.44 -7.43
CA SER D 95 -22.97 -3.33 -8.31
C SER D 95 -21.83 -2.35 -8.53
N ARG D 96 -20.90 -2.29 -7.57
CA ARG D 96 -19.78 -1.37 -7.65
C ARG D 96 -18.63 -1.81 -8.57
N ILE D 97 -18.70 -3.03 -9.08
CA ILE D 97 -17.63 -3.50 -9.97
C ILE D 97 -17.47 -2.57 -11.18
N ILE D 98 -18.59 -2.19 -11.77
CA ILE D 98 -18.58 -1.34 -12.95
C ILE D 98 -17.83 -0.02 -12.72
N THR D 99 -18.15 0.67 -11.64
CA THR D 99 -17.49 1.94 -11.37
C THR D 99 -16.05 1.78 -10.88
N THR D 100 -15.76 0.69 -10.18
CA THR D 100 -14.40 0.47 -9.71
C THR D 100 -13.47 0.24 -10.89
N VAL D 101 -13.88 -0.60 -11.83
CA VAL D 101 -13.05 -0.86 -13.00
C VAL D 101 -13.00 0.39 -13.85
N LEU D 102 -14.12 1.10 -13.96
CA LEU D 102 -14.16 2.35 -14.74
C LEU D 102 -13.08 3.30 -14.21
N GLN D 103 -13.01 3.42 -12.89
CA GLN D 103 -12.03 4.31 -12.28
C GLN D 103 -10.59 3.86 -12.56
N MET D 104 -10.37 2.55 -12.63
CA MET D 104 -9.01 2.06 -12.92
C MET D 104 -8.63 2.53 -14.32
N VAL D 105 -9.57 2.44 -15.25
CA VAL D 105 -9.32 2.85 -16.63
C VAL D 105 -9.11 4.36 -16.75
N VAL D 106 -9.99 5.14 -16.11
CA VAL D 106 -9.86 6.59 -16.16
C VAL D 106 -8.56 7.03 -15.46
N ASN D 107 -8.27 6.42 -14.32
CA ASN D 107 -7.05 6.77 -13.58
C ASN D 107 -5.80 6.52 -14.43
N SER D 108 -5.81 5.44 -15.20
CA SER D 108 -4.67 5.08 -16.03
C SER D 108 -4.54 5.93 -17.29
N ILE D 109 -5.65 6.14 -17.99
CA ILE D 109 -5.64 6.90 -19.23
C ILE D 109 -5.68 8.42 -19.09
N ASP D 110 -6.64 8.93 -18.33
CA ASP D 110 -6.79 10.37 -18.17
C ASP D 110 -5.82 11.01 -17.18
N TYR D 111 -5.59 10.37 -16.05
CA TYR D 111 -4.71 10.93 -15.04
C TYR D 111 -3.27 10.40 -15.09
N GLY D 112 -3.03 9.48 -16.02
CA GLY D 112 -1.70 8.91 -16.19
C GLY D 112 -1.07 8.31 -14.94
N LEU D 113 -1.89 7.71 -14.09
CA LEU D 113 -1.38 7.10 -12.87
C LEU D 113 -0.80 5.71 -13.14
N ASN D 114 0.27 5.33 -12.45
CA ASN D 114 0.82 4.01 -12.67
C ASN D 114 -0.15 3.02 -12.02
N VAL D 115 -0.05 1.75 -12.36
CA VAL D 115 -1.01 0.77 -11.85
C VAL D 115 -1.18 0.77 -10.32
N ALA D 116 -0.11 1.07 -9.58
CA ALA D 116 -0.20 1.11 -8.13
C ALA D 116 -0.93 2.38 -7.68
N GLU D 117 -0.59 3.51 -8.30
CA GLU D 117 -1.24 4.77 -7.96
C GLU D 117 -2.74 4.67 -8.26
N ALA D 118 -3.07 4.08 -9.40
CA ALA D 118 -4.47 3.94 -9.81
C ALA D 118 -5.23 3.07 -8.83
N THR D 119 -4.55 2.06 -8.29
CA THR D 119 -5.16 1.13 -7.34
C THR D 119 -5.39 1.72 -5.96
N ASN D 120 -4.41 2.46 -5.46
CA ASN D 120 -4.50 3.05 -4.13
C ASN D 120 -5.34 4.32 -4.02
N ALA D 121 -5.72 4.88 -5.16
CA ALA D 121 -6.52 6.09 -5.18
C ALA D 121 -7.94 5.79 -4.64
N PRO D 122 -8.55 6.75 -3.95
CA PRO D 122 -9.90 6.55 -3.40
C PRO D 122 -10.95 6.41 -4.51
N ARG D 123 -12.06 5.75 -4.18
CA ARG D 123 -13.13 5.49 -5.13
C ARG D 123 -14.47 6.09 -4.74
N PHE D 124 -15.27 6.43 -5.76
CA PHE D 124 -16.62 6.95 -5.54
C PHE D 124 -17.55 6.17 -6.47
N HIS D 125 -18.85 6.24 -6.21
CA HIS D 125 -19.79 5.44 -6.98
C HIS D 125 -21.22 5.97 -6.91
N HIS D 126 -21.89 5.97 -8.06
CA HIS D 126 -23.29 6.37 -8.09
C HIS D 126 -23.99 5.37 -9.00
N GLN D 127 -24.98 4.66 -8.46
CA GLN D 127 -25.69 3.66 -9.25
C GLN D 127 -27.14 4.03 -9.55
N TRP D 128 -27.42 5.33 -9.64
CA TRP D 128 -28.76 5.82 -9.95
C TRP D 128 -29.70 5.61 -8.77
N LEU D 129 -29.97 4.34 -8.44
CA LEU D 129 -30.83 4.00 -7.31
C LEU D 129 -30.06 3.03 -6.41
N PRO D 130 -29.89 3.37 -5.13
CA PRO D 130 -30.37 4.60 -4.48
C PRO D 130 -29.65 5.84 -4.98
N ASP D 131 -30.34 6.98 -4.91
CA ASP D 131 -29.75 8.24 -5.38
C ASP D 131 -28.81 8.82 -4.33
N GLU D 132 -27.55 8.42 -4.39
CA GLU D 132 -26.54 8.89 -3.46
C GLU D 132 -25.17 8.73 -4.10
N LEU D 133 -24.28 9.67 -3.84
CA LEU D 133 -22.94 9.60 -4.37
C LEU D 133 -22.11 8.96 -3.26
N ARG D 134 -21.88 7.65 -3.40
CA ARG D 134 -21.11 6.91 -2.42
C ARG D 134 -19.62 7.19 -2.58
N VAL D 135 -18.93 7.41 -1.47
CA VAL D 135 -17.50 7.67 -1.50
C VAL D 135 -16.78 6.91 -0.40
N GLU D 136 -15.49 6.68 -0.60
CA GLU D 136 -14.67 6.02 0.40
C GLU D 136 -13.96 7.17 1.10
N LYS D 137 -13.22 6.86 2.15
CA LYS D 137 -12.44 7.87 2.84
C LYS D 137 -11.37 8.26 1.83
N GLY D 138 -10.86 9.49 1.90
CA GLY D 138 -9.81 9.86 0.98
C GLY D 138 -10.01 11.09 0.12
N PHE D 139 -11.24 11.59 0.03
CA PHE D 139 -11.46 12.79 -0.78
C PHE D 139 -11.36 14.03 0.10
N SER D 140 -10.94 15.13 -0.49
CA SER D 140 -10.78 16.38 0.25
C SER D 140 -12.09 16.98 0.74
N PRO D 141 -12.08 17.56 1.95
CA PRO D 141 -13.27 18.19 2.52
C PRO D 141 -13.71 19.32 1.61
N ASP D 142 -12.73 19.97 1.00
CA ASP D 142 -12.96 21.07 0.07
C ASP D 142 -13.76 20.58 -1.13
N THR D 143 -13.40 19.41 -1.64
CA THR D 143 -14.05 18.83 -2.79
C THR D 143 -15.46 18.33 -2.47
N LEU D 144 -15.62 17.67 -1.33
CA LEU D 144 -16.92 17.16 -0.94
C LEU D 144 -17.90 18.31 -0.73
N LYS D 145 -17.39 19.45 -0.25
CA LYS D 145 -18.25 20.61 -0.05
C LYS D 145 -18.79 21.09 -1.39
N LEU D 146 -17.90 21.16 -2.37
CA LEU D 146 -18.29 21.59 -3.71
C LEU D 146 -19.31 20.63 -4.31
N LEU D 147 -19.08 19.32 -4.13
CA LEU D 147 -19.99 18.32 -4.66
C LEU D 147 -21.38 18.47 -4.06
N GLU D 148 -21.45 18.73 -2.76
CA GLU D 148 -22.74 18.89 -2.10
C GLU D 148 -23.44 20.15 -2.60
N ALA D 149 -22.64 21.19 -2.88
CA ALA D 149 -23.19 22.45 -3.38
C ALA D 149 -23.77 22.23 -4.78
N LYS D 150 -23.24 21.22 -5.48
CA LYS D 150 -23.70 20.90 -6.82
C LYS D 150 -24.99 20.07 -6.80
N GLY D 151 -25.36 19.56 -5.63
CA GLY D 151 -26.56 18.77 -5.52
C GLY D 151 -26.34 17.30 -5.25
N GLN D 152 -25.09 16.86 -5.19
CA GLN D 152 -24.78 15.46 -4.93
C GLN D 152 -25.07 15.13 -3.47
N LYS D 153 -25.64 13.95 -3.23
CA LYS D 153 -25.93 13.50 -1.88
C LYS D 153 -24.81 12.55 -1.50
N VAL D 154 -23.71 13.13 -1.01
CA VAL D 154 -22.52 12.36 -0.61
C VAL D 154 -22.77 11.44 0.58
N ALA D 155 -22.36 10.19 0.43
CA ALA D 155 -22.51 9.20 1.49
C ALA D 155 -21.20 8.44 1.69
N LEU D 156 -20.56 8.65 2.83
CA LEU D 156 -19.30 7.98 3.14
C LEU D 156 -19.61 6.56 3.59
N LYS D 157 -19.10 5.58 2.86
CA LYS D 157 -19.33 4.18 3.20
C LYS D 157 -18.03 3.38 3.21
N GLU D 158 -18.16 2.08 3.46
CA GLU D 158 -16.99 1.21 3.53
C GLU D 158 -16.24 1.13 2.20
N ALA D 159 -14.99 0.69 2.27
CA ALA D 159 -14.14 0.57 1.10
C ALA D 159 -14.78 -0.30 0.03
N MET D 160 -14.54 0.07 -1.23
CA MET D 160 -15.10 -0.66 -2.37
C MET D 160 -14.06 -1.38 -3.21
N GLY D 161 -14.29 -2.68 -3.43
CA GLY D 161 -13.41 -3.47 -4.29
C GLY D 161 -12.09 -4.03 -3.85
N SER D 162 -11.47 -4.75 -4.77
CA SER D 162 -10.16 -5.38 -4.59
C SER D 162 -9.61 -5.61 -5.98
N THR D 163 -9.01 -4.57 -6.55
CA THR D 163 -8.43 -4.67 -7.87
C THR D 163 -7.11 -5.44 -7.81
N GLN D 164 -6.90 -6.29 -8.80
CA GLN D 164 -5.68 -7.09 -8.91
C GLN D 164 -5.32 -6.86 -10.38
N SER D 165 -4.37 -5.96 -10.61
CA SER D 165 -4.03 -5.55 -11.96
C SER D 165 -2.58 -5.68 -12.41
N ILE D 166 -2.42 -5.70 -13.73
CA ILE D 166 -1.12 -5.77 -14.37
C ILE D 166 -1.07 -4.81 -15.54
N MET D 167 0.00 -4.02 -15.61
CA MET D 167 0.18 -3.09 -16.72
C MET D 167 1.43 -3.53 -17.46
N VAL D 168 1.38 -3.48 -18.79
CA VAL D 168 2.51 -3.89 -19.60
C VAL D 168 3.25 -2.67 -20.13
N GLY D 169 4.54 -2.57 -19.79
CA GLY D 169 5.34 -1.45 -20.23
C GLY D 169 5.62 -1.48 -21.73
N PRO D 170 6.11 -0.38 -22.30
CA PRO D 170 6.40 -0.32 -23.74
C PRO D 170 7.43 -1.35 -24.18
N ASP D 171 8.31 -1.75 -23.27
CA ASP D 171 9.35 -2.72 -23.58
C ASP D 171 8.97 -4.15 -23.18
N GLY D 172 7.70 -4.35 -22.82
CA GLY D 172 7.25 -5.67 -22.44
C GLY D 172 7.40 -6.02 -20.97
N GLU D 173 8.07 -5.15 -20.21
CA GLU D 173 8.25 -5.40 -18.79
C GLU D 173 6.89 -5.31 -18.10
N LEU D 174 6.75 -5.96 -16.95
CA LEU D 174 5.48 -5.97 -16.24
C LEU D 174 5.41 -5.18 -14.93
N TYR D 175 4.27 -4.53 -14.71
CA TYR D 175 4.02 -3.74 -13.51
C TYR D 175 2.68 -4.21 -12.95
N GLY D 176 2.66 -4.53 -11.66
CA GLY D 176 1.42 -5.01 -11.07
C GLY D 176 1.08 -4.40 -9.73
N ALA D 177 -0.19 -4.54 -9.33
CA ALA D 177 -0.61 -4.00 -8.06
C ALA D 177 -1.80 -4.71 -7.46
N SER D 178 -1.68 -5.03 -6.18
CA SER D 178 -2.76 -5.64 -5.43
C SER D 178 -3.41 -4.47 -4.68
N ASP D 179 -4.61 -4.69 -4.16
CA ASP D 179 -5.37 -3.64 -3.50
C ASP D 179 -5.09 -3.47 -2.01
N PRO D 180 -4.95 -2.22 -1.53
CA PRO D 180 -4.69 -2.04 -0.10
C PRO D 180 -5.91 -2.46 0.72
N ARG D 181 -7.07 -2.49 0.08
CA ARG D 181 -8.31 -2.84 0.75
C ARG D 181 -8.43 -4.29 1.21
N SER D 182 -7.69 -5.20 0.56
CA SER D 182 -7.78 -6.60 0.99
C SER D 182 -6.43 -7.09 1.46
N VAL D 183 -6.37 -7.61 2.67
CA VAL D 183 -5.12 -8.12 3.21
C VAL D 183 -4.85 -9.54 2.73
N ASP D 184 -3.58 -9.95 2.82
CA ASP D 184 -3.14 -11.28 2.43
C ASP D 184 -3.19 -11.60 0.94
N ASP D 185 -3.33 -10.55 0.11
CA ASP D 185 -3.33 -10.76 -1.33
C ASP D 185 -1.91 -10.62 -1.82
N LEU D 186 -1.69 -10.81 -3.12
CA LEU D 186 -0.34 -10.72 -3.65
C LEU D 186 -0.25 -10.64 -5.16
N THR D 187 0.67 -9.81 -5.62
CA THR D 187 0.98 -9.67 -7.03
C THR D 187 2.47 -10.02 -7.05
N ALA D 188 2.84 -11.00 -7.86
CA ALA D 188 4.22 -11.43 -7.94
C ALA D 188 4.51 -11.95 -9.33
N GLY D 189 5.79 -12.11 -9.64
CA GLY D 189 6.18 -12.61 -10.95
C GLY D 189 7.62 -13.06 -10.97
N TYR D 190 8.19 -13.13 -12.17
CA TYR D 190 9.58 -13.55 -12.34
C TYR D 190 10.13 -13.01 -13.65
C1 AVN E . 20.14 14.91 9.31
O1 AVN E . 19.04 15.61 9.58
O2 AVN E . 20.72 14.33 10.20
C2 AVN E . 20.33 14.48 7.86
N1 AVN E . 21.73 14.14 7.63
C3 AVN E . 19.47 13.32 7.41
O3 AVN E . 19.39 13.06 6.08
N2 AVN E . 18.57 11.86 5.87
C4 AVN E . 18.58 11.29 7.19
C5 AVN E . 19.22 12.27 8.23
C1 AVN F . -22.59 -10.20 -9.98
O1 AVN F . -22.51 -8.97 -10.49
O2 AVN F . -22.32 -11.17 -10.64
C2 AVN F . -22.54 -10.27 -8.48
N1 AVN F . -23.11 -11.55 -8.02
C3 AVN F . -21.18 -10.07 -7.84
O3 AVN F . -21.18 -9.81 -6.50
N2 AVN F . -19.94 -10.37 -5.93
C4 AVN F . -19.06 -10.35 -7.11
C5 AVN F . -20.31 -10.80 -8.10
#